data_2N1P
#
_entry.id   2N1P
#
_entity_poly.entity_id   1
_entity_poly.type   'polypeptide(L)'
_entity_poly.pdbx_seq_one_letter_code
;HSVSHARPRWFWFSLLLLAAGVGIYLLPNR
;
_entity_poly.pdbx_strand_id   A
#
# COMPACT_ATOMS: atom_id res chain seq x y z
N HIS A 1 12.55 -24.91 2.68
CA HIS A 1 12.30 -23.45 2.89
C HIS A 1 10.82 -23.21 3.16
N SER A 2 10.51 -22.30 4.06
CA SER A 2 9.07 -22.01 4.38
C SER A 2 8.69 -20.61 3.87
N VAL A 3 8.98 -20.32 2.63
CA VAL A 3 8.66 -18.98 2.04
C VAL A 3 9.31 -17.86 2.86
N SER A 4 10.58 -17.99 3.15
CA SER A 4 11.28 -16.94 3.95
C SER A 4 11.87 -15.87 3.01
N HIS A 5 12.33 -16.28 1.87
CA HIS A 5 12.91 -15.32 0.88
C HIS A 5 12.02 -15.25 -0.38
N ALA A 6 10.73 -15.46 -0.22
CA ALA A 6 9.81 -15.41 -1.38
C ALA A 6 8.46 -14.80 -0.97
N ARG A 7 8.48 -13.70 -0.25
CA ARG A 7 7.21 -13.06 0.19
C ARG A 7 6.85 -11.90 -0.76
N PRO A 8 5.72 -12.03 -1.41
CA PRO A 8 5.27 -10.98 -2.36
C PRO A 8 4.83 -9.71 -1.61
N ARG A 9 3.59 -9.65 -1.16
CA ARG A 9 3.12 -8.44 -0.43
C ARG A 9 2.21 -8.82 0.74
N TRP A 10 2.41 -9.99 1.31
CA TRP A 10 1.57 -10.43 2.46
C TRP A 10 1.73 -9.43 3.63
N PHE A 11 2.93 -9.05 3.93
CA PHE A 11 3.17 -8.07 5.04
C PHE A 11 3.05 -6.62 4.52
N TRP A 12 3.02 -6.44 3.21
CA TRP A 12 2.92 -5.05 2.66
C TRP A 12 1.46 -4.72 2.26
N PHE A 13 0.51 -5.51 2.69
CA PHE A 13 -0.92 -5.22 2.34
C PHE A 13 -1.33 -3.84 2.89
N SER A 14 -1.08 -3.61 4.15
CA SER A 14 -1.42 -2.29 4.77
C SER A 14 -0.64 -1.18 4.06
N LEU A 15 0.56 -1.49 3.64
CA LEU A 15 1.39 -0.49 2.92
C LEU A 15 0.76 -0.17 1.56
N LEU A 16 0.25 -1.18 0.88
CA LEU A 16 -0.41 -0.94 -0.44
C LEU A 16 -1.66 -0.09 -0.27
N LEU A 17 -2.42 -0.34 0.77
CA LEU A 17 -3.65 0.46 1.02
C LEU A 17 -3.26 1.93 1.26
N LEU A 18 -2.11 2.14 1.83
CA LEU A 18 -1.64 3.54 2.08
C LEU A 18 -1.18 4.17 0.76
N ALA A 19 -0.57 3.39 -0.10
CA ALA A 19 -0.11 3.93 -1.41
C ALA A 19 -1.31 4.41 -2.23
N ALA A 20 -2.39 3.67 -2.20
CA ALA A 20 -3.61 4.08 -2.95
C ALA A 20 -4.14 5.41 -2.40
N GLY A 21 -4.09 5.59 -1.10
CA GLY A 21 -4.57 6.87 -0.48
C GLY A 21 -3.67 8.02 -0.95
N VAL A 22 -2.38 7.78 -1.05
CA VAL A 22 -1.43 8.85 -1.50
C VAL A 22 -1.78 9.29 -2.93
N GLY A 23 -2.11 8.35 -3.79
CA GLY A 23 -2.48 8.69 -5.19
C GLY A 23 -3.77 9.53 -5.19
N ILE A 24 -4.73 9.17 -4.38
CA ILE A 24 -6.00 9.95 -4.32
C ILE A 24 -5.72 11.35 -3.73
N TYR A 25 -4.82 11.45 -2.79
CA TYR A 25 -4.49 12.79 -2.22
C TYR A 25 -3.89 13.69 -3.31
N LEU A 26 -3.26 13.09 -4.29
CA LEU A 26 -2.68 13.89 -5.41
C LEU A 26 -3.81 14.29 -6.37
N LEU A 27 -4.88 13.52 -6.39
CA LEU A 27 -6.03 13.85 -7.30
C LEU A 27 -7.36 13.73 -6.54
N PRO A 28 -7.49 14.46 -5.45
CA PRO A 28 -8.73 14.42 -4.63
C PRO A 28 -9.73 15.51 -5.08
N ASN A 29 -9.26 16.52 -5.76
CA ASN A 29 -10.18 17.61 -6.22
C ASN A 29 -10.50 17.48 -7.72
N ARG A 30 -9.88 16.54 -8.40
CA ARG A 30 -10.16 16.36 -9.87
C ARG A 30 -10.32 14.88 -10.21
N HIS A 1 6.25 -16.63 9.03
CA HIS A 1 7.43 -15.95 8.40
C HIS A 1 7.38 -16.12 6.88
N SER A 2 7.53 -15.03 6.15
CA SER A 2 7.49 -15.12 4.66
C SER A 2 8.61 -14.26 4.04
N VAL A 3 9.81 -14.39 4.54
CA VAL A 3 10.95 -13.61 3.99
C VAL A 3 12.02 -14.54 3.38
N SER A 4 11.60 -15.68 2.87
CA SER A 4 12.58 -16.64 2.27
C SER A 4 13.05 -16.15 0.88
N HIS A 5 12.28 -15.30 0.26
CA HIS A 5 12.66 -14.78 -1.09
C HIS A 5 12.49 -13.26 -1.15
N ALA A 6 12.68 -12.58 -0.04
CA ALA A 6 12.53 -11.09 -0.02
C ALA A 6 11.19 -10.66 -0.62
N ARG A 7 10.14 -11.41 -0.38
CA ARG A 7 8.79 -11.05 -0.93
C ARG A 7 7.83 -10.76 0.23
N PRO A 8 7.83 -9.52 0.67
CA PRO A 8 6.95 -9.11 1.78
C PRO A 8 5.49 -8.96 1.32
N ARG A 9 4.57 -9.43 2.11
CA ARG A 9 3.12 -9.31 1.74
C ARG A 9 2.28 -9.09 3.00
N TRP A 10 2.49 -9.89 4.02
CA TRP A 10 1.72 -9.74 5.30
C TRP A 10 1.67 -8.27 5.73
N PHE A 11 2.79 -7.59 5.72
CA PHE A 11 2.82 -6.16 6.10
C PHE A 11 2.74 -5.27 4.86
N TRP A 12 3.23 -5.75 3.73
CA TRP A 12 3.17 -4.95 2.48
C TRP A 12 1.72 -4.60 2.11
N PHE A 13 0.80 -5.46 2.46
CA PHE A 13 -0.65 -5.16 2.16
C PHE A 13 -1.06 -3.84 2.81
N SER A 14 -0.55 -3.59 3.98
CA SER A 14 -0.87 -2.30 4.68
C SER A 14 -0.28 -1.13 3.90
N LEU A 15 0.88 -1.33 3.33
CA LEU A 15 1.53 -0.26 2.53
C LEU A 15 0.70 0.01 1.26
N LEU A 16 0.23 -1.04 0.61
CA LEU A 16 -0.61 -0.86 -0.61
C LEU A 16 -1.92 -0.16 -0.24
N LEU A 17 -2.45 -0.50 0.90
CA LEU A 17 -3.71 0.14 1.38
C LEU A 17 -3.48 1.64 1.61
N LEU A 18 -2.29 1.98 2.01
CA LEU A 18 -1.94 3.42 2.24
C LEU A 18 -1.53 4.07 0.92
N ALA A 19 -0.90 3.31 0.06
CA ALA A 19 -0.45 3.85 -1.26
C ALA A 19 -1.67 4.30 -2.09
N ALA A 20 -2.76 3.57 -2.02
CA ALA A 20 -3.97 3.95 -2.78
C ALA A 20 -4.48 5.33 -2.30
N GLY A 21 -4.45 5.55 -1.01
CA GLY A 21 -4.92 6.88 -0.48
C GLY A 21 -3.95 7.98 -0.92
N VAL A 22 -2.67 7.70 -0.94
CA VAL A 22 -1.67 8.73 -1.38
C VAL A 22 -1.96 9.15 -2.83
N GLY A 23 -2.28 8.20 -3.68
CA GLY A 23 -2.58 8.54 -5.11
C GLY A 23 -3.82 9.43 -5.17
N ILE A 24 -4.84 9.11 -4.41
CA ILE A 24 -6.08 9.95 -4.40
C ILE A 24 -5.77 11.31 -3.80
N TYR A 25 -4.91 11.37 -2.80
CA TYR A 25 -4.56 12.69 -2.18
C TYR A 25 -3.86 13.58 -3.22
N LEU A 26 -3.22 12.97 -4.20
CA LEU A 26 -2.56 13.77 -5.26
C LEU A 26 -3.61 14.24 -6.28
N LEU A 27 -4.70 13.51 -6.39
CA LEU A 27 -5.78 13.90 -7.35
C LEU A 27 -7.17 13.87 -6.66
N PRO A 28 -7.29 14.56 -5.54
CA PRO A 28 -8.58 14.60 -4.82
C PRO A 28 -9.45 15.77 -5.30
N ASN A 29 -8.85 16.77 -5.91
CA ASN A 29 -9.63 17.93 -6.41
C ASN A 29 -10.28 17.60 -7.76
N ARG A 30 -9.59 16.84 -8.60
CA ARG A 30 -10.14 16.47 -9.95
C ARG A 30 -10.37 17.73 -10.81
N HIS A 1 14.40 -18.12 4.91
CA HIS A 1 13.33 -17.30 4.26
C HIS A 1 12.60 -18.14 3.20
N SER A 2 11.87 -17.51 2.31
CA SER A 2 11.12 -18.24 1.24
C SER A 2 10.06 -19.15 1.89
N VAL A 3 8.92 -18.57 2.22
CA VAL A 3 7.81 -19.36 2.88
C VAL A 3 8.27 -19.94 4.23
N SER A 4 9.33 -19.41 4.80
CA SER A 4 9.82 -19.92 6.12
C SER A 4 8.97 -19.37 7.26
N HIS A 5 8.57 -18.13 7.16
CA HIS A 5 7.75 -17.50 8.24
C HIS A 5 6.87 -16.37 7.68
N ALA A 6 6.55 -16.41 6.40
CA ALA A 6 5.69 -15.33 5.79
C ALA A 6 6.20 -13.94 6.20
N ARG A 7 7.48 -13.71 6.08
CA ARG A 7 8.06 -12.39 6.47
C ARG A 7 7.76 -11.32 5.40
N PRO A 8 8.12 -11.60 4.16
CA PRO A 8 7.87 -10.64 3.06
C PRO A 8 6.43 -10.77 2.54
N ARG A 9 5.99 -9.81 1.76
CA ARG A 9 4.60 -9.83 1.20
C ARG A 9 3.52 -9.76 2.30
N TRP A 10 3.90 -9.55 3.54
CA TRP A 10 2.89 -9.47 4.63
C TRP A 10 2.62 -8.00 4.98
N PHE A 11 3.66 -7.22 5.16
CA PHE A 11 3.48 -5.77 5.47
C PHE A 11 3.11 -4.98 4.22
N TRP A 12 3.41 -5.52 3.05
CA TRP A 12 3.08 -4.81 1.77
C TRP A 12 1.58 -4.52 1.68
N PHE A 13 0.76 -5.33 2.30
CA PHE A 13 -0.72 -5.09 2.26
C PHE A 13 -1.02 -3.73 2.90
N SER A 14 -0.42 -3.45 4.02
CA SER A 14 -0.64 -2.13 4.70
C SER A 14 -0.06 -1.02 3.82
N LEU A 15 1.05 -1.30 3.18
CA LEU A 15 1.68 -0.29 2.29
C LEU A 15 0.77 -0.03 1.09
N LEU A 16 0.20 -1.07 0.52
CA LEU A 16 -0.73 -0.91 -0.64
C LEU A 16 -1.93 -0.04 -0.23
N LEU A 17 -2.44 -0.28 0.93
CA LEU A 17 -3.61 0.52 1.43
C LEU A 17 -3.22 2.00 1.51
N LEU A 18 -1.99 2.26 1.87
CA LEU A 18 -1.50 3.67 1.97
C LEU A 18 -1.30 4.25 0.55
N ALA A 19 -0.88 3.42 -0.37
CA ALA A 19 -0.66 3.89 -1.77
C ALA A 19 -1.99 4.35 -2.38
N ALA A 20 -3.07 3.68 -2.04
CA ALA A 20 -4.40 4.07 -2.59
C ALA A 20 -4.88 5.38 -1.93
N GLY A 21 -4.69 5.51 -0.64
CA GLY A 21 -5.12 6.75 0.06
C GLY A 21 -4.26 7.93 -0.40
N VAL A 22 -2.96 7.78 -0.33
CA VAL A 22 -2.05 8.89 -0.77
C VAL A 22 -2.24 9.15 -2.28
N GLY A 23 -2.48 8.11 -3.05
CA GLY A 23 -2.68 8.29 -4.52
C GLY A 23 -3.88 9.20 -4.77
N ILE A 24 -4.98 8.94 -4.11
CA ILE A 24 -6.20 9.81 -4.29
C ILE A 24 -5.93 11.20 -3.71
N TYR A 25 -5.18 11.29 -2.63
CA TYR A 25 -4.88 12.63 -2.04
C TYR A 25 -4.05 13.47 -3.03
N LEU A 26 -3.33 12.81 -3.92
CA LEU A 26 -2.53 13.55 -4.93
C LEU A 26 -3.46 13.97 -6.08
N LEU A 27 -4.53 13.23 -6.29
CA LEU A 27 -5.49 13.57 -7.38
C LEU A 27 -6.94 13.60 -6.85
N PRO A 28 -7.18 14.34 -5.78
CA PRO A 28 -8.54 14.44 -5.21
C PRO A 28 -9.32 15.58 -5.87
N ASN A 29 -8.65 16.65 -6.22
CA ASN A 29 -9.35 17.81 -6.87
C ASN A 29 -8.97 17.91 -8.36
N ARG A 30 -8.22 16.96 -8.87
CA ARG A 30 -7.82 16.99 -10.31
C ARG A 30 -8.39 15.79 -11.07
N HIS A 1 15.29 -11.44 17.01
CA HIS A 1 15.18 -10.24 16.14
C HIS A 1 14.43 -10.57 14.84
N SER A 2 13.78 -9.60 14.25
CA SER A 2 13.02 -9.85 12.98
C SER A 2 12.91 -8.56 12.16
N VAL A 3 13.98 -7.80 12.05
CA VAL A 3 13.92 -6.54 11.26
C VAL A 3 14.95 -6.59 10.10
N SER A 4 15.01 -7.68 9.39
CA SER A 4 15.99 -7.80 8.26
C SER A 4 15.42 -7.12 7.00
N HIS A 5 14.16 -7.32 6.74
CA HIS A 5 13.52 -6.71 5.54
C HIS A 5 12.11 -6.20 5.89
N ALA A 6 11.89 -5.81 7.12
CA ALA A 6 10.53 -5.30 7.54
C ALA A 6 9.43 -6.28 7.12
N ARG A 7 9.68 -7.57 7.25
CA ARG A 7 8.67 -8.62 6.88
C ARG A 7 8.49 -8.66 5.35
N PRO A 8 8.71 -9.83 4.78
CA PRO A 8 8.57 -10.00 3.31
C PRO A 8 7.08 -9.93 2.90
N ARG A 9 6.20 -10.31 3.78
CA ARG A 9 4.74 -10.27 3.46
C ARG A 9 3.93 -10.26 4.77
N TRP A 10 2.65 -10.57 4.71
CA TRP A 10 1.80 -10.58 5.95
C TRP A 10 1.93 -9.24 6.69
N PHE A 11 2.11 -8.16 5.95
CA PHE A 11 2.25 -6.81 6.58
C PHE A 11 2.30 -5.73 5.48
N TRP A 12 3.03 -5.99 4.42
CA TRP A 12 3.13 -5.00 3.29
C TRP A 12 1.76 -4.67 2.69
N PHE A 13 0.78 -5.52 2.89
CA PHE A 13 -0.58 -5.24 2.34
C PHE A 13 -1.11 -3.92 2.88
N SER A 14 -0.83 -3.62 4.12
CA SER A 14 -1.28 -2.32 4.73
C SER A 14 -0.58 -1.18 4.01
N LEU A 15 0.66 -1.37 3.66
CA LEU A 15 1.43 -0.32 2.93
C LEU A 15 0.80 -0.09 1.56
N LEU A 16 0.39 -1.15 0.90
CA LEU A 16 -0.25 -1.02 -0.45
C LEU A 16 -1.58 -0.26 -0.30
N LEU A 17 -2.31 -0.53 0.75
CA LEU A 17 -3.60 0.17 0.99
C LEU A 17 -3.34 1.67 1.15
N LEU A 18 -2.21 2.01 1.72
CA LEU A 18 -1.85 3.45 1.91
C LEU A 18 -1.42 4.05 0.57
N ALA A 19 -0.83 3.26 -0.28
CA ALA A 19 -0.37 3.75 -1.62
C ALA A 19 -1.57 4.27 -2.41
N ALA A 20 -2.68 3.56 -2.37
CA ALA A 20 -3.89 4.00 -3.12
C ALA A 20 -4.38 5.36 -2.57
N GLY A 21 -4.31 5.54 -1.27
CA GLY A 21 -4.75 6.85 -0.67
C GLY A 21 -3.80 7.96 -1.13
N VAL A 22 -2.52 7.68 -1.22
CA VAL A 22 -1.55 8.72 -1.67
C VAL A 22 -1.88 9.16 -3.11
N GLY A 23 -2.23 8.22 -3.96
CA GLY A 23 -2.58 8.57 -5.36
C GLY A 23 -3.82 9.47 -5.37
N ILE A 24 -4.83 9.11 -4.63
CA ILE A 24 -6.07 9.95 -4.57
C ILE A 24 -5.75 11.29 -3.89
N TYR A 25 -4.85 11.29 -2.93
CA TYR A 25 -4.49 12.57 -2.25
C TYR A 25 -3.86 13.55 -3.28
N LEU A 26 -3.29 13.02 -4.34
CA LEU A 26 -2.69 13.90 -5.38
C LEU A 26 -3.81 14.41 -6.31
N LEU A 27 -4.90 13.67 -6.41
CA LEU A 27 -6.03 14.10 -7.27
C LEU A 27 -7.38 14.04 -6.51
N PRO A 28 -7.43 14.63 -5.33
CA PRO A 28 -8.67 14.63 -4.54
C PRO A 28 -9.54 15.85 -4.87
N ASN A 29 -8.96 16.86 -5.47
CA ASN A 29 -9.74 18.09 -5.84
C ASN A 29 -10.42 17.89 -7.19
N ARG A 30 -9.76 17.21 -8.11
CA ARG A 30 -10.36 16.97 -9.47
C ARG A 30 -10.63 18.30 -10.19
N HIS A 1 -2.05 -3.43 22.80
CA HIS A 1 -1.01 -3.46 21.71
C HIS A 1 0.32 -3.99 22.26
N SER A 2 0.90 -4.97 21.60
CA SER A 2 2.20 -5.53 22.06
C SER A 2 3.12 -5.77 20.86
N VAL A 3 3.16 -6.98 20.36
CA VAL A 3 4.03 -7.28 19.18
C VAL A 3 3.20 -7.91 18.04
N SER A 4 1.90 -7.93 18.18
CA SER A 4 1.03 -8.52 17.10
C SER A 4 0.53 -7.41 16.17
N HIS A 5 0.33 -6.24 16.71
CA HIS A 5 -0.16 -5.09 15.87
C HIS A 5 0.99 -4.13 15.54
N ALA A 6 2.21 -4.51 15.84
CA ALA A 6 3.37 -3.61 15.54
C ALA A 6 4.26 -4.21 14.43
N ARG A 7 3.74 -5.18 13.70
CA ARG A 7 4.55 -5.81 12.61
C ARG A 7 3.61 -6.40 11.54
N PRO A 8 2.93 -5.53 10.83
CA PRO A 8 1.98 -5.98 9.78
C PRO A 8 2.75 -6.51 8.55
N ARG A 9 3.06 -5.64 7.59
CA ARG A 9 3.80 -6.05 6.35
C ARG A 9 3.36 -7.42 5.81
N TRP A 10 2.11 -7.79 6.01
CA TRP A 10 1.62 -9.08 5.45
C TRP A 10 1.57 -8.90 3.94
N PHE A 11 2.67 -9.20 3.27
CA PHE A 11 2.74 -8.94 1.80
C PHE A 11 2.56 -7.42 1.62
N TRP A 12 2.93 -6.66 2.66
CA TRP A 12 2.78 -5.17 2.65
C TRP A 12 1.37 -4.79 2.16
N PHE A 13 0.39 -5.48 2.67
CA PHE A 13 -1.02 -5.19 2.29
C PHE A 13 -1.44 -3.84 2.88
N SER A 14 -1.13 -3.62 4.13
CA SER A 14 -1.46 -2.31 4.77
C SER A 14 -0.67 -1.21 4.09
N LEU A 15 0.54 -1.51 3.68
CA LEU A 15 1.40 -0.52 2.97
C LEU A 15 0.77 -0.17 1.62
N LEU A 16 0.25 -1.15 0.90
CA LEU A 16 -0.38 -0.89 -0.42
C LEU A 16 -1.62 -0.02 -0.24
N LEU A 17 -2.38 -0.28 0.79
CA LEU A 17 -3.60 0.54 1.06
C LEU A 17 -3.21 2.00 1.32
N LEU A 18 -2.05 2.19 1.89
CA LEU A 18 -1.56 3.57 2.16
C LEU A 18 -1.10 4.22 0.84
N ALA A 19 -0.50 3.45 -0.02
CA ALA A 19 -0.03 3.99 -1.33
C ALA A 19 -1.24 4.45 -2.16
N ALA A 20 -2.31 3.70 -2.12
CA ALA A 20 -3.54 4.09 -2.89
C ALA A 20 -4.08 5.43 -2.37
N GLY A 21 -4.05 5.61 -1.06
CA GLY A 21 -4.55 6.90 -0.47
C GLY A 21 -3.65 8.05 -0.93
N VAL A 22 -2.36 7.83 -1.00
CA VAL A 22 -1.42 8.90 -1.45
C VAL A 22 -1.76 9.32 -2.89
N GLY A 23 -2.05 8.36 -3.74
CA GLY A 23 -2.39 8.68 -5.17
C GLY A 23 -3.69 9.52 -5.19
N ILE A 24 -4.66 9.15 -4.39
CA ILE A 24 -5.95 9.91 -4.36
C ILE A 24 -5.69 11.32 -3.78
N TYR A 25 -4.81 11.43 -2.81
CA TYR A 25 -4.52 12.78 -2.23
C TYR A 25 -3.93 13.69 -3.32
N LEU A 26 -3.29 13.11 -4.30
CA LEU A 26 -2.71 13.93 -5.41
C LEU A 26 -3.84 14.30 -6.40
N LEU A 27 -4.91 13.54 -6.41
CA LEU A 27 -6.06 13.84 -7.32
C LEU A 27 -7.40 13.71 -6.57
N PRO A 28 -7.53 14.43 -5.47
CA PRO A 28 -8.78 14.38 -4.68
C PRO A 28 -9.78 15.45 -5.14
N ASN A 29 -9.30 16.49 -5.80
CA ASN A 29 -10.21 17.57 -6.28
C ASN A 29 -10.62 17.31 -7.73
N ARG A 30 -9.71 16.79 -8.53
CA ARG A 30 -10.04 16.50 -9.97
C ARG A 30 -10.47 15.03 -10.12
N HIS A 1 7.74 -17.88 1.44
CA HIS A 1 9.00 -18.17 0.68
C HIS A 1 9.79 -16.88 0.47
N SER A 2 11.04 -16.86 0.90
CA SER A 2 11.91 -15.65 0.74
C SER A 2 11.23 -14.37 1.29
N VAL A 3 10.51 -14.50 2.39
CA VAL A 3 9.85 -13.29 2.99
C VAL A 3 10.41 -13.01 4.39
N SER A 4 11.65 -13.37 4.63
CA SER A 4 12.27 -13.11 5.98
C SER A 4 12.37 -11.60 6.23
N HIS A 5 12.71 -10.87 5.21
CA HIS A 5 12.83 -9.38 5.35
C HIS A 5 11.72 -8.68 4.54
N ALA A 6 10.56 -9.29 4.45
CA ALA A 6 9.42 -8.68 3.69
C ALA A 6 9.87 -8.29 2.26
N ARG A 7 10.61 -9.15 1.61
CA ARG A 7 11.08 -8.83 0.21
C ARG A 7 9.89 -8.69 -0.75
N PRO A 8 9.03 -9.70 -0.78
CA PRO A 8 7.84 -9.66 -1.67
C PRO A 8 6.79 -8.69 -1.11
N ARG A 9 5.58 -8.77 -1.59
CA ARG A 9 4.50 -7.86 -1.08
C ARG A 9 3.68 -8.53 0.03
N TRP A 10 4.21 -9.56 0.66
CA TRP A 10 3.46 -10.24 1.75
C TRP A 10 3.29 -9.30 2.94
N PHE A 11 4.35 -8.66 3.37
CA PHE A 11 4.25 -7.70 4.53
C PHE A 11 3.97 -6.28 4.02
N TRP A 12 3.64 -6.12 2.75
CA TRP A 12 3.35 -4.77 2.21
C TRP A 12 1.85 -4.57 2.00
N PHE A 13 1.02 -5.42 2.57
CA PHE A 13 -0.46 -5.27 2.39
C PHE A 13 -0.92 -3.94 2.98
N SER A 14 -0.59 -3.68 4.22
CA SER A 14 -0.99 -2.40 4.87
C SER A 14 -0.37 -1.22 4.11
N LEU A 15 0.81 -1.42 3.57
CA LEU A 15 1.48 -0.33 2.79
C LEU A 15 0.72 -0.11 1.48
N LEU A 16 0.29 -1.17 0.83
CA LEU A 16 -0.48 -1.02 -0.45
C LEU A 16 -1.79 -0.29 -0.19
N LEU A 17 -2.44 -0.59 0.91
CA LEU A 17 -3.71 0.10 1.25
C LEU A 17 -3.46 1.59 1.47
N LEU A 18 -2.28 1.93 1.90
CA LEU A 18 -1.92 3.36 2.13
C LEU A 18 -1.55 4.01 0.79
N ALA A 19 -0.94 3.26 -0.09
CA ALA A 19 -0.55 3.81 -1.42
C ALA A 19 -1.80 4.32 -2.18
N ALA A 20 -2.89 3.61 -2.09
CA ALA A 20 -4.14 4.06 -2.78
C ALA A 20 -4.60 5.40 -2.22
N GLY A 21 -4.52 5.57 -0.92
CA GLY A 21 -4.94 6.87 -0.30
C GLY A 21 -4.01 7.99 -0.77
N VAL A 22 -2.72 7.72 -0.85
CA VAL A 22 -1.76 8.77 -1.31
C VAL A 22 -2.08 9.18 -2.75
N GLY A 23 -2.41 8.24 -3.60
CA GLY A 23 -2.74 8.56 -5.02
C GLY A 23 -3.98 9.48 -5.06
N ILE A 24 -4.96 9.20 -4.25
CA ILE A 24 -6.19 10.07 -4.24
C ILE A 24 -5.84 11.45 -3.69
N TYR A 25 -4.96 11.53 -2.71
CA TYR A 25 -4.57 12.88 -2.17
C TYR A 25 -3.85 13.68 -3.26
N LEU A 26 -3.23 13.00 -4.19
CA LEU A 26 -2.54 13.72 -5.31
C LEU A 26 -3.59 14.17 -6.34
N LEU A 27 -4.70 13.46 -6.40
CA LEU A 27 -5.78 13.83 -7.37
C LEU A 27 -7.15 13.88 -6.67
N PRO A 28 -7.26 14.66 -5.61
CA PRO A 28 -8.53 14.79 -4.88
C PRO A 28 -9.40 15.92 -5.45
N ASN A 29 -8.79 16.87 -6.14
CA ASN A 29 -9.58 18.00 -6.72
C ASN A 29 -10.00 17.68 -8.17
N ARG A 30 -9.46 16.63 -8.76
CA ARG A 30 -9.81 16.26 -10.17
C ARG A 30 -9.54 17.44 -11.12
N HIS A 1 13.13 -16.87 -5.97
CA HIS A 1 11.79 -16.31 -5.63
C HIS A 1 11.93 -15.01 -4.80
N SER A 2 10.96 -14.15 -4.85
CA SER A 2 11.05 -12.86 -4.08
C SER A 2 9.64 -12.32 -3.79
N VAL A 3 8.79 -13.13 -3.17
CA VAL A 3 7.40 -12.69 -2.82
C VAL A 3 6.63 -12.25 -4.09
N SER A 4 7.02 -12.72 -5.25
CA SER A 4 6.28 -12.32 -6.49
C SER A 4 5.16 -13.32 -6.79
N HIS A 5 5.42 -14.57 -6.54
CA HIS A 5 4.38 -15.62 -6.78
C HIS A 5 4.00 -16.33 -5.47
N ALA A 6 4.38 -15.77 -4.34
CA ALA A 6 4.06 -16.41 -3.02
C ALA A 6 2.96 -15.61 -2.31
N ARG A 7 1.91 -15.24 -3.01
CA ARG A 7 0.80 -14.46 -2.37
C ARG A 7 1.34 -13.15 -1.74
N PRO A 8 1.49 -12.14 -2.57
CA PRO A 8 2.01 -10.84 -2.09
C PRO A 8 0.94 -10.10 -1.26
N ARG A 9 0.86 -10.41 0.01
CA ARG A 9 -0.14 -9.74 0.89
C ARG A 9 0.34 -9.77 2.36
N TRP A 10 -0.41 -10.38 3.27
CA TRP A 10 -0.01 -10.45 4.73
C TRP A 10 0.76 -9.19 5.17
N PHE A 11 0.06 -8.17 5.62
CA PHE A 11 0.69 -6.89 6.08
C PHE A 11 1.09 -6.00 4.89
N TRP A 12 1.67 -6.57 3.85
CA TRP A 12 2.05 -5.73 2.66
C TRP A 12 0.82 -5.02 2.10
N PHE A 13 -0.32 -5.66 2.15
CA PHE A 13 -1.57 -5.02 1.63
C PHE A 13 -1.79 -3.68 2.34
N SER A 14 -1.42 -3.60 3.60
CA SER A 14 -1.58 -2.33 4.35
C SER A 14 -0.67 -1.27 3.74
N LEU A 15 0.51 -1.67 3.32
CA LEU A 15 1.47 -0.72 2.68
C LEU A 15 0.87 -0.20 1.36
N LEU A 16 0.27 -1.08 0.60
CA LEU A 16 -0.36 -0.65 -0.69
C LEU A 16 -1.53 0.29 -0.41
N LEU A 17 -2.24 0.05 0.66
CA LEU A 17 -3.38 0.93 1.03
C LEU A 17 -2.84 2.34 1.33
N LEU A 18 -1.69 2.41 1.94
CA LEU A 18 -1.06 3.73 2.24
C LEU A 18 -0.70 4.43 0.94
N ALA A 19 -0.22 3.68 -0.02
CA ALA A 19 0.15 4.29 -1.34
C ALA A 19 -1.13 4.77 -2.06
N ALA A 20 -2.22 4.05 -1.90
CA ALA A 20 -3.49 4.47 -2.56
C ALA A 20 -3.97 5.82 -1.98
N GLY A 21 -3.82 6.00 -0.69
CA GLY A 21 -4.25 7.30 -0.06
C GLY A 21 -3.37 8.42 -0.59
N VAL A 22 -2.08 8.20 -0.70
CA VAL A 22 -1.16 9.25 -1.23
C VAL A 22 -1.50 9.53 -2.70
N GLY A 23 -1.75 8.51 -3.47
CA GLY A 23 -2.11 8.72 -4.91
C GLY A 23 -3.43 9.48 -5.00
N ILE A 24 -4.43 9.07 -4.25
CA ILE A 24 -5.74 9.79 -4.28
C ILE A 24 -5.57 11.22 -3.73
N TYR A 25 -4.67 11.43 -2.79
CA TYR A 25 -4.46 12.81 -2.26
C TYR A 25 -3.93 13.72 -3.38
N LEU A 26 -3.22 13.15 -4.33
CA LEU A 26 -2.71 13.97 -5.47
C LEU A 26 -3.86 14.23 -6.44
N LEU A 27 -4.84 13.36 -6.45
CA LEU A 27 -6.02 13.54 -7.35
C LEU A 27 -7.33 13.29 -6.56
N PRO A 28 -7.54 14.08 -5.53
CA PRO A 28 -8.75 13.92 -4.70
C PRO A 28 -9.90 14.81 -5.20
N ASN A 29 -9.60 15.82 -5.98
CA ASN A 29 -10.68 16.72 -6.52
C ASN A 29 -11.72 15.91 -7.32
N ARG A 30 -11.29 14.85 -7.99
CA ARG A 30 -12.23 14.00 -8.79
C ARG A 30 -12.95 14.82 -9.88
N HIS A 1 20.46 -12.65 -3.31
CA HIS A 1 21.55 -12.63 -2.29
C HIS A 1 21.00 -12.15 -0.94
N SER A 2 21.37 -12.82 0.14
CA SER A 2 20.89 -12.44 1.51
C SER A 2 19.41 -12.02 1.50
N VAL A 3 18.56 -12.82 0.88
CA VAL A 3 17.11 -12.48 0.82
C VAL A 3 16.27 -13.59 1.48
N SER A 4 16.88 -14.42 2.31
CA SER A 4 16.12 -15.52 2.98
C SER A 4 15.08 -14.93 3.96
N HIS A 5 15.34 -13.76 4.46
CA HIS A 5 14.39 -13.11 5.41
C HIS A 5 14.08 -11.67 4.97
N ALA A 6 14.39 -11.33 3.74
CA ALA A 6 14.11 -9.94 3.25
C ALA A 6 13.00 -9.94 2.20
N ARG A 7 12.05 -10.84 2.30
CA ARG A 7 10.93 -10.88 1.31
C ARG A 7 9.65 -11.44 1.96
N PRO A 8 9.16 -10.74 2.96
CA PRO A 8 7.93 -11.17 3.68
C PRO A 8 6.68 -10.91 2.83
N ARG A 9 5.51 -11.16 3.39
CA ARG A 9 4.25 -10.93 2.62
C ARG A 9 3.04 -10.92 3.58
N TRP A 10 3.05 -9.99 4.50
CA TRP A 10 1.92 -9.89 5.48
C TRP A 10 1.55 -8.42 5.70
N PHE A 11 2.50 -7.62 6.13
CA PHE A 11 2.21 -6.16 6.35
C PHE A 11 2.23 -5.39 5.03
N TRP A 12 2.80 -5.97 3.99
CA TRP A 12 2.86 -5.27 2.67
C TRP A 12 1.46 -4.87 2.18
N PHE A 13 0.46 -5.63 2.52
CA PHE A 13 -0.93 -5.27 2.10
C PHE A 13 -1.34 -3.95 2.72
N SER A 14 -0.97 -3.74 3.96
CA SER A 14 -1.31 -2.45 4.64
C SER A 14 -0.55 -1.31 3.96
N LEU A 15 0.65 -1.58 3.52
CA LEU A 15 1.45 -0.52 2.82
C LEU A 15 0.77 -0.17 1.49
N LEU A 16 0.28 -1.16 0.78
CA LEU A 16 -0.41 -0.90 -0.53
C LEU A 16 -1.67 -0.06 -0.28
N LEU A 17 -2.36 -0.33 0.78
CA LEU A 17 -3.60 0.43 1.12
C LEU A 17 -3.23 1.91 1.35
N LEU A 18 -2.06 2.13 1.90
CA LEU A 18 -1.60 3.53 2.15
C LEU A 18 -1.15 4.18 0.84
N ALA A 19 -0.54 3.41 -0.03
CA ALA A 19 -0.09 3.96 -1.34
C ALA A 19 -1.29 4.45 -2.15
N ALA A 20 -2.38 3.70 -2.14
CA ALA A 20 -3.60 4.13 -2.90
C ALA A 20 -4.13 5.44 -2.32
N GLY A 21 -4.13 5.59 -1.01
CA GLY A 21 -4.62 6.85 -0.37
C GLY A 21 -3.75 8.02 -0.83
N VAL A 22 -2.46 7.81 -0.94
CA VAL A 22 -1.54 8.91 -1.39
C VAL A 22 -1.88 9.31 -2.83
N GLY A 23 -2.14 8.34 -3.69
CA GLY A 23 -2.49 8.66 -5.10
C GLY A 23 -3.76 9.50 -5.15
N ILE A 24 -4.74 9.18 -4.32
CA ILE A 24 -6.00 9.97 -4.30
C ILE A 24 -5.71 11.38 -3.76
N TYR A 25 -4.80 11.52 -2.83
CA TYR A 25 -4.46 12.88 -2.30
C TYR A 25 -3.87 13.73 -3.43
N LEU A 26 -3.25 13.11 -4.40
CA LEU A 26 -2.67 13.87 -5.54
C LEU A 26 -3.80 14.25 -6.51
N LEU A 27 -4.90 13.52 -6.47
CA LEU A 27 -6.05 13.80 -7.37
C LEU A 27 -7.38 13.74 -6.60
N PRO A 28 -7.48 14.49 -5.52
CA PRO A 28 -8.72 14.48 -4.70
C PRO A 28 -9.71 15.56 -5.18
N ASN A 29 -9.22 16.64 -5.75
CA ASN A 29 -10.14 17.72 -6.24
C ASN A 29 -10.64 17.39 -7.65
N ARG A 30 -9.83 16.75 -8.46
CA ARG A 30 -10.24 16.40 -9.86
C ARG A 30 -10.67 17.66 -10.65
N HIS A 1 5.44 -17.58 10.52
CA HIS A 1 5.26 -18.13 11.89
C HIS A 1 4.17 -19.20 11.89
N SER A 2 4.32 -20.24 12.68
CA SER A 2 3.31 -21.35 12.76
C SER A 2 2.74 -21.70 11.38
N VAL A 3 3.58 -21.79 10.37
CA VAL A 3 3.11 -22.13 8.99
C VAL A 3 1.89 -21.27 8.60
N SER A 4 1.89 -20.01 8.98
CA SER A 4 0.74 -19.13 8.65
C SER A 4 0.85 -18.65 7.19
N HIS A 5 1.76 -17.76 6.92
CA HIS A 5 1.92 -17.25 5.52
C HIS A 5 3.37 -16.81 5.28
N ALA A 6 3.74 -15.67 5.81
CA ALA A 6 5.13 -15.15 5.62
C ALA A 6 5.53 -15.18 4.13
N ARG A 7 4.76 -14.54 3.29
CA ARG A 7 5.07 -14.53 1.82
C ARG A 7 4.12 -13.58 1.06
N PRO A 8 2.82 -13.82 1.17
CA PRO A 8 1.83 -12.97 0.47
C PRO A 8 1.76 -11.56 1.10
N ARG A 9 0.78 -10.77 0.71
CA ARG A 9 0.66 -9.39 1.27
C ARG A 9 0.42 -9.41 2.79
N TRP A 10 -0.76 -9.78 3.22
CA TRP A 10 -1.08 -9.82 4.69
C TRP A 10 -0.72 -8.47 5.35
N PHE A 11 0.45 -8.34 5.91
CA PHE A 11 0.86 -7.04 6.54
C PHE A 11 1.24 -6.03 5.46
N TRP A 12 1.78 -6.50 4.35
CA TRP A 12 2.17 -5.59 3.24
C TRP A 12 0.92 -5.00 2.57
N PHE A 13 -0.23 -5.59 2.79
CA PHE A 13 -1.48 -5.05 2.17
C PHE A 13 -1.76 -3.66 2.74
N SER A 14 -1.46 -3.46 4.00
CA SER A 14 -1.68 -2.11 4.63
C SER A 14 -0.75 -1.10 3.96
N LEU A 15 0.47 -1.50 3.70
CA LEU A 15 1.44 -0.59 3.03
C LEU A 15 0.93 -0.23 1.63
N LEU A 16 0.38 -1.21 0.92
CA LEU A 16 -0.15 -0.95 -0.44
C LEU A 16 -1.34 0.01 -0.37
N LEU A 17 -2.19 -0.18 0.60
CA LEU A 17 -3.37 0.73 0.77
C LEU A 17 -2.87 2.15 1.03
N LEU A 18 -1.75 2.27 1.69
CA LEU A 18 -1.18 3.61 1.98
C LEU A 18 -0.69 4.25 0.68
N ALA A 19 -0.10 3.46 -0.19
CA ALA A 19 0.39 4.01 -1.49
C ALA A 19 -0.80 4.45 -2.36
N ALA A 20 -1.89 3.72 -2.31
CA ALA A 20 -3.10 4.09 -3.10
C ALA A 20 -3.68 5.41 -2.58
N GLY A 21 -3.71 5.58 -1.27
CA GLY A 21 -4.26 6.84 -0.68
C GLY A 21 -3.40 8.03 -1.14
N VAL A 22 -2.10 7.84 -1.24
CA VAL A 22 -1.21 8.95 -1.70
C VAL A 22 -1.60 9.37 -3.13
N GLY A 23 -1.92 8.42 -3.97
CA GLY A 23 -2.33 8.76 -5.36
C GLY A 23 -3.62 9.57 -5.35
N ILE A 24 -4.62 9.11 -4.62
CA ILE A 24 -5.90 9.86 -4.55
C ILE A 24 -5.68 11.22 -3.86
N TYR A 25 -4.76 11.30 -2.92
CA TYR A 25 -4.51 12.62 -2.24
C TYR A 25 -4.00 13.63 -3.27
N LEU A 26 -3.37 13.17 -4.32
CA LEU A 26 -2.89 14.10 -5.38
C LEU A 26 -4.07 14.50 -6.28
N LEU A 27 -5.07 13.65 -6.36
CA LEU A 27 -6.27 13.97 -7.20
C LEU A 27 -7.57 13.72 -6.40
N PRO A 28 -7.70 14.36 -5.26
CA PRO A 28 -8.92 14.18 -4.43
C PRO A 28 -9.97 15.24 -4.76
N ASN A 29 -9.58 16.32 -5.40
CA ASN A 29 -10.58 17.39 -5.75
C ASN A 29 -11.20 17.14 -7.14
N ARG A 30 -10.80 16.08 -7.82
CA ARG A 30 -11.39 15.79 -9.16
C ARG A 30 -12.62 14.88 -9.03
N HIS A 1 17.34 -14.68 -6.94
CA HIS A 1 15.99 -14.58 -6.31
C HIS A 1 15.08 -15.72 -6.80
N SER A 2 14.14 -16.14 -5.98
CA SER A 2 13.23 -17.26 -6.39
C SER A 2 11.84 -16.72 -6.77
N VAL A 3 11.79 -15.54 -7.36
CA VAL A 3 10.47 -14.93 -7.76
C VAL A 3 9.51 -14.92 -6.55
N SER A 4 9.97 -14.47 -5.41
CA SER A 4 9.09 -14.42 -4.20
C SER A 4 8.53 -13.01 -4.00
N HIS A 5 9.10 -12.04 -4.64
CA HIS A 5 8.61 -10.63 -4.49
C HIS A 5 7.69 -10.26 -5.65
N ALA A 6 6.88 -11.19 -6.11
CA ALA A 6 5.96 -10.91 -7.25
C ALA A 6 4.70 -11.78 -7.13
N ARG A 7 4.18 -11.95 -5.95
CA ARG A 7 2.96 -12.80 -5.77
C ARG A 7 2.33 -12.54 -4.38
N PRO A 8 3.07 -12.87 -3.33
CA PRO A 8 2.55 -12.65 -1.96
C PRO A 8 2.53 -11.16 -1.61
N ARG A 9 1.36 -10.59 -1.51
CA ARG A 9 1.24 -9.13 -1.18
C ARG A 9 0.83 -8.93 0.28
N TRP A 10 0.95 -9.94 1.11
CA TRP A 10 0.57 -9.79 2.55
C TRP A 10 1.45 -8.73 3.23
N PHE A 11 2.74 -8.79 2.99
CA PHE A 11 3.67 -7.78 3.60
C PHE A 11 3.44 -6.39 2.97
N TRP A 12 2.90 -6.34 1.77
CA TRP A 12 2.67 -5.02 1.11
C TRP A 12 1.18 -4.64 1.14
N PHE A 13 0.39 -5.31 1.94
CA PHE A 13 -1.07 -4.97 2.00
C PHE A 13 -1.25 -3.62 2.69
N SER A 14 -0.65 -3.47 3.84
CA SER A 14 -0.75 -2.17 4.58
C SER A 14 -0.07 -1.08 3.75
N LEU A 15 0.98 -1.45 3.07
CA LEU A 15 1.71 -0.48 2.20
C LEU A 15 0.81 -0.07 1.03
N LEU A 16 0.11 -1.02 0.44
CA LEU A 16 -0.81 -0.69 -0.69
C LEU A 16 -1.94 0.20 -0.20
N LEU A 17 -2.42 -0.06 1.00
CA LEU A 17 -3.52 0.78 1.58
C LEU A 17 -3.03 2.22 1.73
N LEU A 18 -1.78 2.38 2.04
CA LEU A 18 -1.19 3.75 2.18
C LEU A 18 -1.05 4.39 0.80
N ALA A 19 -0.72 3.60 -0.19
CA ALA A 19 -0.58 4.13 -1.58
C ALA A 19 -1.94 4.59 -2.11
N ALA A 20 -3.00 3.92 -1.71
CA ALA A 20 -4.37 4.32 -2.18
C ALA A 20 -4.79 5.64 -1.51
N GLY A 21 -4.54 5.78 -0.24
CA GLY A 21 -4.92 7.04 0.47
C GLY A 21 -4.05 8.20 -0.02
N VAL A 22 -2.76 8.03 0.01
CA VAL A 22 -1.85 9.13 -0.47
C VAL A 22 -2.03 9.34 -1.98
N GLY A 23 -2.25 8.29 -2.72
CA GLY A 23 -2.45 8.43 -4.20
C GLY A 23 -3.69 9.28 -4.49
N ILE A 24 -4.79 8.99 -3.83
CA ILE A 24 -6.03 9.79 -4.07
C ILE A 24 -5.83 11.22 -3.58
N TYR A 25 -5.08 11.43 -2.52
CA TYR A 25 -4.85 12.82 -2.03
C TYR A 25 -4.07 13.62 -3.09
N LEU A 26 -3.26 12.94 -3.88
CA LEU A 26 -2.50 13.65 -4.96
C LEU A 26 -3.45 13.91 -6.14
N LEU A 27 -4.48 13.09 -6.28
CA LEU A 27 -5.45 13.27 -7.40
C LEU A 27 -6.91 13.24 -6.87
N PRO A 28 -7.21 14.09 -5.92
CA PRO A 28 -8.57 14.14 -5.35
C PRO A 28 -9.45 15.15 -6.10
N ASN A 29 -8.84 16.08 -6.80
CA ASN A 29 -9.63 17.10 -7.57
C ASN A 29 -9.68 16.73 -9.07
N ARG A 30 -9.17 15.58 -9.44
CA ARG A 30 -9.18 15.14 -10.88
C ARG A 30 -8.37 16.12 -11.77
N HIS A 1 11.10 -12.21 13.68
CA HIS A 1 11.69 -10.84 13.58
C HIS A 1 12.86 -10.85 12.59
N SER A 2 13.63 -9.77 12.54
CA SER A 2 14.79 -9.70 11.59
C SER A 2 14.30 -9.83 10.15
N VAL A 3 13.68 -8.80 9.63
CA VAL A 3 13.15 -8.84 8.22
C VAL A 3 12.16 -10.01 8.07
N SER A 4 11.03 -9.92 8.72
CA SER A 4 10.03 -11.01 8.63
C SER A 4 8.61 -10.44 8.47
N HIS A 5 8.15 -9.72 9.46
CA HIS A 5 6.78 -9.12 9.39
C HIS A 5 6.86 -7.60 9.38
N ALA A 6 7.89 -7.04 8.77
CA ALA A 6 8.03 -5.55 8.72
C ALA A 6 9.26 -5.17 7.88
N ARG A 7 9.42 -5.73 6.71
CA ARG A 7 10.60 -5.40 5.86
C ARG A 7 10.49 -6.06 4.46
N PRO A 8 10.36 -7.37 4.42
CA PRO A 8 10.26 -8.09 3.12
C PRO A 8 8.88 -7.90 2.48
N ARG A 9 7.91 -8.71 2.84
CA ARG A 9 6.54 -8.56 2.23
C ARG A 9 5.47 -8.66 3.32
N TRP A 10 5.38 -9.78 4.00
CA TRP A 10 4.33 -9.94 5.08
C TRP A 10 4.19 -8.65 5.90
N PHE A 11 2.96 -8.27 6.18
CA PHE A 11 2.66 -7.01 6.96
C PHE A 11 2.72 -5.77 6.05
N TRP A 12 3.20 -5.90 4.83
CA TRP A 12 3.26 -4.73 3.91
C TRP A 12 1.95 -4.58 3.11
N PHE A 13 0.92 -5.30 3.51
CA PHE A 13 -0.38 -5.23 2.80
C PHE A 13 -1.06 -3.89 3.12
N SER A 14 -1.01 -3.48 4.35
CA SER A 14 -1.62 -2.18 4.74
C SER A 14 -0.87 -1.05 4.04
N LEU A 15 0.41 -1.22 3.84
CA LEU A 15 1.22 -0.19 3.13
C LEU A 15 0.76 -0.09 1.67
N LEU A 16 0.48 -1.21 1.06
CA LEU A 16 0.01 -1.20 -0.36
C LEU A 16 -1.35 -0.49 -0.43
N LEU A 17 -2.19 -0.73 0.54
CA LEU A 17 -3.52 -0.07 0.57
C LEU A 17 -3.32 1.44 0.75
N LEU A 18 -2.27 1.81 1.45
CA LEU A 18 -1.97 3.26 1.66
C LEU A 18 -1.47 3.88 0.36
N ALA A 19 -0.80 3.11 -0.46
CA ALA A 19 -0.28 3.64 -1.77
C ALA A 19 -1.46 4.14 -2.62
N ALA A 20 -2.57 3.44 -2.61
CA ALA A 20 -3.75 3.89 -3.40
C ALA A 20 -4.26 5.23 -2.86
N GLY A 21 -4.27 5.38 -1.56
CA GLY A 21 -4.74 6.68 -0.95
C GLY A 21 -3.79 7.80 -1.38
N VAL A 22 -2.51 7.53 -1.48
CA VAL A 22 -1.53 8.58 -1.91
C VAL A 22 -1.88 9.04 -3.33
N GLY A 23 -2.24 8.12 -4.20
CA GLY A 23 -2.60 8.50 -5.59
C GLY A 23 -3.84 9.41 -5.56
N ILE A 24 -4.84 9.05 -4.79
CA ILE A 24 -6.07 9.90 -4.69
C ILE A 24 -5.73 11.22 -3.98
N TYR A 25 -4.80 11.19 -3.05
CA TYR A 25 -4.42 12.46 -2.35
C TYR A 25 -3.86 13.47 -3.36
N LEU A 26 -3.39 13.01 -4.48
CA LEU A 26 -2.87 13.94 -5.52
C LEU A 26 -4.03 14.51 -6.35
N LEU A 27 -5.14 13.79 -6.41
CA LEU A 27 -6.32 14.28 -7.19
C LEU A 27 -7.61 14.26 -6.34
N PRO A 28 -7.54 14.80 -5.13
CA PRO A 28 -8.72 14.84 -4.25
C PRO A 28 -9.54 16.13 -4.47
N ASN A 29 -8.91 17.16 -5.01
CA ASN A 29 -9.63 18.44 -5.24
C ASN A 29 -10.05 18.56 -6.71
N ARG A 30 -9.22 18.13 -7.61
CA ARG A 30 -9.55 18.20 -9.07
C ARG A 30 -8.76 17.15 -9.85
N HIS A 1 6.34 1.13 12.03
CA HIS A 1 6.53 0.72 10.60
C HIS A 1 7.24 -0.64 10.53
N SER A 2 6.74 -1.54 9.72
CA SER A 2 7.37 -2.89 9.61
C SER A 2 8.00 -3.06 8.21
N VAL A 3 8.77 -2.09 7.77
CA VAL A 3 9.42 -2.19 6.43
C VAL A 3 10.94 -2.33 6.59
N SER A 4 11.38 -3.04 7.60
CA SER A 4 12.86 -3.21 7.82
C SER A 4 13.34 -4.51 7.16
N HIS A 5 12.51 -5.52 7.16
CA HIS A 5 12.90 -6.82 6.54
C HIS A 5 12.36 -6.94 5.10
N ALA A 6 11.91 -5.83 4.52
CA ALA A 6 11.37 -5.87 3.12
C ALA A 6 10.30 -6.96 2.99
N ARG A 7 9.15 -6.73 3.56
CA ARG A 7 8.06 -7.76 3.49
C ARG A 7 7.22 -7.57 2.21
N PRO A 8 7.22 -8.58 1.37
CA PRO A 8 6.44 -8.53 0.11
C PRO A 8 4.94 -8.73 0.39
N ARG A 9 4.61 -9.43 1.44
CA ARG A 9 3.17 -9.66 1.77
C ARG A 9 2.98 -9.61 3.29
N TRP A 10 1.84 -10.07 3.78
CA TRP A 10 1.55 -10.05 5.26
C TRP A 10 1.51 -8.61 5.78
N PHE A 11 2.65 -8.02 6.07
CA PHE A 11 2.68 -6.61 6.54
C PHE A 11 2.84 -5.64 5.35
N TRP A 12 2.59 -6.12 4.15
CA TRP A 12 2.74 -5.25 2.95
C TRP A 12 1.37 -4.84 2.39
N PHE A 13 0.34 -5.57 2.71
CA PHE A 13 -1.03 -5.22 2.20
C PHE A 13 -1.43 -3.84 2.72
N SER A 14 -1.22 -3.60 3.99
CA SER A 14 -1.56 -2.26 4.57
C SER A 14 -0.71 -1.19 3.90
N LEU A 15 0.50 -1.53 3.53
CA LEU A 15 1.40 -0.57 2.82
C LEU A 15 0.79 -0.21 1.47
N LEU A 16 0.30 -1.20 0.75
CA LEU A 16 -0.33 -0.93 -0.58
C LEU A 16 -1.57 -0.07 -0.41
N LEU A 17 -2.31 -0.29 0.65
CA LEU A 17 -3.52 0.53 0.92
C LEU A 17 -3.11 1.99 1.17
N LEU A 18 -1.99 2.16 1.82
CA LEU A 18 -1.47 3.54 2.09
C LEU A 18 -1.03 4.19 0.77
N ALA A 19 -0.46 3.41 -0.10
CA ALA A 19 -0.01 3.95 -1.43
C ALA A 19 -1.23 4.42 -2.23
N ALA A 20 -2.31 3.69 -2.16
CA ALA A 20 -3.55 4.08 -2.90
C ALA A 20 -4.07 5.42 -2.36
N GLY A 21 -4.03 5.61 -1.06
CA GLY A 21 -4.51 6.89 -0.46
C GLY A 21 -3.60 8.04 -0.93
N VAL A 22 -2.32 7.79 -1.04
CA VAL A 22 -1.38 8.88 -1.50
C VAL A 22 -1.74 9.30 -2.93
N GLY A 23 -2.05 8.35 -3.79
CA GLY A 23 -2.41 8.69 -5.20
C GLY A 23 -3.70 9.53 -5.20
N ILE A 24 -4.67 9.16 -4.39
CA ILE A 24 -5.95 9.94 -4.33
C ILE A 24 -5.67 11.34 -3.75
N TYR A 25 -4.75 11.45 -2.81
CA TYR A 25 -4.44 12.79 -2.25
C TYR A 25 -3.87 13.70 -3.34
N LEU A 26 -3.26 13.12 -4.35
CA LEU A 26 -2.72 13.94 -5.47
C LEU A 26 -3.86 14.32 -6.41
N LEU A 27 -4.92 13.54 -6.43
CA LEU A 27 -6.09 13.84 -7.31
C LEU A 27 -7.42 13.73 -6.53
N PRO A 28 -7.51 14.44 -5.43
CA PRO A 28 -8.75 14.41 -4.61
C PRO A 28 -9.74 15.50 -5.04
N ASN A 29 -9.27 16.53 -5.70
CA ASN A 29 -10.19 17.62 -6.16
C ASN A 29 -11.08 17.12 -7.29
N ARG A 30 -10.60 16.17 -8.08
CA ARG A 30 -11.41 15.62 -9.21
C ARG A 30 -11.78 16.72 -10.23
N HIS A 1 10.76 -13.87 -10.05
CA HIS A 1 11.53 -13.22 -8.95
C HIS A 1 12.04 -14.28 -7.95
N SER A 2 13.09 -13.97 -7.23
CA SER A 2 13.64 -14.94 -6.23
C SER A 2 13.79 -14.28 -4.86
N VAL A 3 12.85 -13.42 -4.49
CA VAL A 3 12.93 -12.74 -3.16
C VAL A 3 11.76 -13.19 -2.27
N SER A 4 11.58 -14.47 -2.12
CA SER A 4 10.47 -14.98 -1.27
C SER A 4 10.84 -14.88 0.22
N HIS A 5 12.10 -14.95 0.54
CA HIS A 5 12.54 -14.85 1.96
C HIS A 5 12.94 -13.41 2.31
N ALA A 6 12.18 -12.45 1.85
CA ALA A 6 12.51 -11.02 2.15
C ALA A 6 11.22 -10.20 2.39
N ARG A 7 10.20 -10.84 2.94
CA ARG A 7 8.91 -10.13 3.21
C ARG A 7 8.49 -9.27 2.01
N PRO A 8 8.29 -9.92 0.88
CA PRO A 8 7.87 -9.20 -0.35
C PRO A 8 6.40 -8.75 -0.26
N ARG A 9 5.57 -9.55 0.36
CA ARG A 9 4.12 -9.18 0.49
C ARG A 9 3.59 -9.66 1.84
N TRP A 10 2.31 -9.99 1.93
CA TRP A 10 1.71 -10.46 3.22
C TRP A 10 1.67 -9.33 4.25
N PHE A 11 2.82 -8.88 4.71
CA PHE A 11 2.85 -7.77 5.71
C PHE A 11 2.79 -6.41 4.99
N TRP A 12 3.10 -6.35 3.71
CA TRP A 12 3.04 -5.05 2.98
C TRP A 12 1.64 -4.77 2.44
N PHE A 13 0.63 -5.50 2.90
CA PHE A 13 -0.76 -5.24 2.41
C PHE A 13 -1.23 -3.87 2.89
N SER A 14 -1.01 -3.59 4.15
CA SER A 14 -1.43 -2.26 4.71
C SER A 14 -0.66 -1.15 3.98
N LEU A 15 0.56 -1.42 3.61
CA LEU A 15 1.37 -0.41 2.86
C LEU A 15 0.73 -0.14 1.51
N LEU A 16 0.26 -1.18 0.84
CA LEU A 16 -0.40 -1.00 -0.49
C LEU A 16 -1.68 -0.17 -0.32
N LEU A 17 -2.41 -0.42 0.74
CA LEU A 17 -3.66 0.36 1.00
C LEU A 17 -3.30 1.84 1.19
N LEU A 18 -2.17 2.09 1.80
CA LEU A 18 -1.72 3.50 2.02
C LEU A 18 -1.27 4.11 0.69
N ALA A 19 -0.65 3.33 -0.15
CA ALA A 19 -0.19 3.84 -1.47
C ALA A 19 -1.39 4.33 -2.30
N ALA A 20 -2.48 3.60 -2.26
CA ALA A 20 -3.70 4.01 -3.01
C ALA A 20 -4.20 5.36 -2.48
N GLY A 21 -4.16 5.55 -1.18
CA GLY A 21 -4.63 6.84 -0.58
C GLY A 21 -3.71 7.97 -1.03
N VAL A 22 -2.42 7.71 -1.14
CA VAL A 22 -1.45 8.77 -1.58
C VAL A 22 -1.81 9.23 -2.99
N GLY A 23 -2.13 8.31 -3.87
CA GLY A 23 -2.49 8.67 -5.27
C GLY A 23 -3.76 9.52 -5.26
N ILE A 24 -4.73 9.16 -4.45
CA ILE A 24 -5.99 9.97 -4.38
C ILE A 24 -5.70 11.35 -3.77
N TYR A 25 -4.81 11.43 -2.81
CA TYR A 25 -4.48 12.76 -2.21
C TYR A 25 -3.86 13.68 -3.28
N LEU A 26 -3.26 13.10 -4.29
CA LEU A 26 -2.66 13.94 -5.38
C LEU A 26 -3.77 14.33 -6.36
N LEU A 27 -4.87 13.61 -6.37
CA LEU A 27 -5.99 13.94 -7.30
C LEU A 27 -7.35 13.86 -6.56
N PRO A 28 -7.46 14.54 -5.44
CA PRO A 28 -8.71 14.52 -4.65
C PRO A 28 -9.64 15.68 -5.06
N ASN A 29 -9.11 16.71 -5.69
CA ASN A 29 -9.96 17.86 -6.11
C ASN A 29 -10.86 17.46 -7.28
N ARG A 30 -10.36 16.67 -8.19
CA ARG A 30 -11.19 16.23 -9.36
C ARG A 30 -10.72 14.88 -9.89
N HIS A 1 0.91 -13.57 12.05
CA HIS A 1 1.93 -12.99 12.98
C HIS A 1 1.25 -12.17 14.08
N SER A 2 1.79 -12.19 15.27
CA SER A 2 1.18 -11.41 16.38
C SER A 2 2.08 -10.22 16.76
N VAL A 3 2.49 -9.45 15.78
CA VAL A 3 3.37 -8.27 16.03
C VAL A 3 4.66 -8.69 16.77
N SER A 4 5.40 -9.61 16.20
CA SER A 4 6.67 -10.07 16.85
C SER A 4 7.72 -8.95 16.86
N HIS A 5 7.73 -8.15 15.82
CA HIS A 5 8.71 -7.04 15.74
C HIS A 5 8.03 -5.75 15.27
N ALA A 6 6.75 -5.60 15.52
CA ALA A 6 6.00 -4.37 15.10
C ALA A 6 6.31 -4.02 13.64
N ARG A 7 6.21 -4.97 12.75
CA ARG A 7 6.49 -4.69 11.30
C ARG A 7 5.28 -5.05 10.43
N PRO A 8 4.68 -4.04 9.84
CA PRO A 8 3.50 -4.24 8.97
C PRO A 8 3.93 -4.73 7.57
N ARG A 9 3.58 -5.95 7.24
CA ARG A 9 3.97 -6.50 5.90
C ARG A 9 2.81 -7.33 5.31
N TRP A 10 2.85 -8.65 5.41
CA TRP A 10 1.75 -9.47 4.81
C TRP A 10 1.61 -9.06 3.35
N PHE A 11 2.66 -9.25 2.57
CA PHE A 11 2.66 -8.80 1.15
C PHE A 11 2.47 -7.27 1.15
N TRP A 12 2.89 -6.64 2.24
CA TRP A 12 2.75 -5.16 2.39
C TRP A 12 1.35 -4.72 1.98
N PHE A 13 0.36 -5.46 2.40
CA PHE A 13 -1.06 -5.11 2.07
C PHE A 13 -1.43 -3.80 2.76
N SER A 14 -1.11 -3.69 4.02
CA SER A 14 -1.40 -2.43 4.77
C SER A 14 -0.59 -1.29 4.15
N LEU A 15 0.60 -1.59 3.72
CA LEU A 15 1.47 -0.57 3.08
C LEU A 15 0.87 -0.16 1.73
N LEU A 16 0.41 -1.12 0.96
CA LEU A 16 -0.21 -0.82 -0.37
C LEU A 16 -1.46 0.03 -0.18
N LEU A 17 -2.21 -0.26 0.85
CA LEU A 17 -3.46 0.53 1.12
C LEU A 17 -3.07 1.99 1.39
N LEU A 18 -1.95 2.19 2.03
CA LEU A 18 -1.47 3.57 2.33
C LEU A 18 -1.03 4.26 1.03
N ALA A 19 -0.43 3.52 0.14
CA ALA A 19 0.00 4.10 -1.16
C ALA A 19 -1.22 4.50 -2.00
N ALA A 20 -2.26 3.71 -1.96
CA ALA A 20 -3.50 4.05 -2.74
C ALA A 20 -4.10 5.36 -2.22
N GLY A 21 -4.16 5.53 -0.92
CA GLY A 21 -4.71 6.79 -0.34
C GLY A 21 -3.89 7.98 -0.82
N VAL A 22 -2.59 7.82 -0.89
CA VAL A 22 -1.71 8.93 -1.36
C VAL A 22 -2.02 9.26 -2.83
N GLY A 23 -2.31 8.25 -3.63
CA GLY A 23 -2.64 8.49 -5.06
C GLY A 23 -3.87 9.39 -5.16
N ILE A 24 -4.90 9.10 -4.41
CA ILE A 24 -6.13 9.94 -4.44
C ILE A 24 -5.82 11.33 -3.85
N TYR A 25 -4.95 11.40 -2.86
CA TYR A 25 -4.60 12.73 -2.28
C TYR A 25 -3.93 13.60 -3.35
N LEU A 26 -3.31 12.98 -4.33
CA LEU A 26 -2.66 13.77 -5.43
C LEU A 26 -3.75 14.21 -6.43
N LEU A 27 -4.86 13.49 -6.46
CA LEU A 27 -5.97 13.87 -7.39
C LEU A 27 -7.32 13.81 -6.66
N PRO A 28 -7.44 14.54 -5.57
CA PRO A 28 -8.70 14.57 -4.79
C PRO A 28 -9.64 15.66 -5.31
N ASN A 29 -9.12 16.67 -5.96
CA ASN A 29 -9.99 17.77 -6.50
C ASN A 29 -10.54 17.39 -7.87
N ARG A 30 -9.76 16.67 -8.66
CA ARG A 30 -10.21 16.25 -10.03
C ARG A 30 -10.49 17.48 -10.91
N HIS A 1 12.21 -4.09 9.59
CA HIS A 1 12.64 -5.51 9.58
C HIS A 1 13.77 -5.71 8.56
N SER A 2 14.69 -6.61 8.85
CA SER A 2 15.82 -6.86 7.91
C SER A 2 15.61 -8.19 7.16
N VAL A 3 14.37 -8.46 6.76
CA VAL A 3 14.04 -9.73 6.02
C VAL A 3 14.90 -10.93 6.50
N SER A 4 15.01 -11.09 7.79
CA SER A 4 15.81 -12.22 8.33
C SER A 4 14.91 -13.42 8.69
N HIS A 5 13.64 -13.17 8.89
CA HIS A 5 12.71 -14.29 9.23
C HIS A 5 11.59 -14.41 8.18
N ALA A 6 11.87 -14.04 6.95
CA ALA A 6 10.84 -14.12 5.86
C ALA A 6 9.66 -13.18 6.17
N ARG A 7 9.78 -11.94 5.77
CA ARG A 7 8.69 -10.95 6.03
C ARG A 7 7.33 -11.49 5.51
N PRO A 8 6.28 -11.18 6.24
CA PRO A 8 4.93 -11.64 5.85
C PRO A 8 4.40 -10.83 4.66
N ARG A 9 3.30 -11.25 4.10
CA ARG A 9 2.70 -10.51 2.93
C ARG A 9 1.42 -9.79 3.35
N TRP A 10 0.63 -10.39 4.22
CA TRP A 10 -0.64 -9.73 4.67
C TRP A 10 -0.33 -8.41 5.39
N PHE A 11 0.79 -8.34 6.07
CA PHE A 11 1.16 -7.07 6.79
C PHE A 11 1.50 -5.98 5.77
N TRP A 12 2.24 -6.32 4.75
CA TRP A 12 2.61 -5.31 3.71
C TRP A 12 1.39 -4.85 2.91
N PHE A 13 0.30 -5.57 3.03
CA PHE A 13 -0.95 -5.16 2.29
C PHE A 13 -1.42 -3.80 2.83
N SER A 14 -1.23 -3.56 4.09
CA SER A 14 -1.64 -2.25 4.68
C SER A 14 -0.81 -1.13 4.05
N LEU A 15 0.44 -1.42 3.78
CA LEU A 15 1.32 -0.40 3.13
C LEU A 15 0.83 -0.13 1.71
N LEU A 16 0.46 -1.15 0.98
CA LEU A 16 -0.06 -0.97 -0.41
C LEU A 16 -1.33 -0.13 -0.39
N LEU A 17 -2.19 -0.37 0.58
CA LEU A 17 -3.45 0.41 0.69
C LEU A 17 -3.11 1.90 0.89
N LEU A 18 -2.06 2.16 1.62
CA LEU A 18 -1.64 3.57 1.87
C LEU A 18 -1.09 4.18 0.57
N ALA A 19 -0.42 3.38 -0.22
CA ALA A 19 0.13 3.89 -1.52
C ALA A 19 -1.02 4.34 -2.43
N ALA A 20 -2.10 3.60 -2.45
CA ALA A 20 -3.26 3.99 -3.30
C ALA A 20 -3.87 5.29 -2.77
N GLY A 21 -3.92 5.45 -1.46
CA GLY A 21 -4.47 6.70 -0.87
C GLY A 21 -3.61 7.89 -1.29
N VAL A 22 -2.31 7.70 -1.39
CA VAL A 22 -1.42 8.82 -1.81
C VAL A 22 -1.77 9.26 -3.23
N GLY A 23 -2.04 8.32 -4.11
CA GLY A 23 -2.41 8.68 -5.52
C GLY A 23 -3.70 9.50 -5.50
N ILE A 24 -4.65 9.11 -4.68
CA ILE A 24 -5.93 9.88 -4.60
C ILE A 24 -5.67 11.24 -3.95
N TYR A 25 -4.73 11.32 -3.04
CA TYR A 25 -4.41 12.64 -2.40
C TYR A 25 -3.90 13.62 -3.46
N LEU A 26 -3.33 13.10 -4.52
CA LEU A 26 -2.84 13.99 -5.62
C LEU A 26 -4.03 14.44 -6.48
N LEU A 27 -5.11 13.69 -6.45
CA LEU A 27 -6.32 14.06 -7.24
C LEU A 27 -7.60 13.89 -6.39
N PRO A 28 -7.63 14.52 -5.23
CA PRO A 28 -8.82 14.42 -4.35
C PRO A 28 -9.83 15.52 -4.66
N ASN A 29 -9.37 16.73 -4.88
CA ASN A 29 -10.30 17.85 -5.21
C ASN A 29 -10.71 17.80 -6.70
N ARG A 30 -9.81 17.34 -7.55
CA ARG A 30 -10.11 17.26 -9.02
C ARG A 30 -10.62 18.62 -9.56
N HIS A 1 2.72 1.38 22.77
CA HIS A 1 3.60 0.59 23.68
C HIS A 1 3.08 -0.85 23.80
N SER A 2 3.98 -1.81 23.95
CA SER A 2 3.57 -3.25 24.07
C SER A 2 2.67 -3.66 22.89
N VAL A 3 3.21 -3.68 21.70
CA VAL A 3 2.39 -4.07 20.51
C VAL A 3 3.28 -4.77 19.46
N SER A 4 3.97 -4.03 18.62
CA SER A 4 4.87 -4.64 17.57
C SER A 4 4.06 -5.28 16.42
N HIS A 5 2.78 -5.47 16.60
CA HIS A 5 1.95 -6.09 15.52
C HIS A 5 1.06 -5.04 14.84
N ALA A 6 1.23 -3.78 15.19
CA ALA A 6 0.41 -2.70 14.57
C ALA A 6 1.22 -1.98 13.49
N ARG A 7 1.89 -2.71 12.65
CA ARG A 7 2.70 -2.07 11.57
C ARG A 7 2.13 -2.45 10.19
N PRO A 8 2.30 -1.56 9.24
CA PRO A 8 1.78 -1.81 7.87
C PRO A 8 2.68 -2.80 7.12
N ARG A 9 2.89 -3.97 7.67
CA ARG A 9 3.76 -4.98 6.99
C ARG A 9 3.07 -6.35 6.90
N TRP A 10 1.82 -6.46 7.33
CA TRP A 10 1.10 -7.77 7.20
C TRP A 10 0.99 -8.05 5.71
N PHE A 11 1.94 -8.79 5.16
CA PHE A 11 1.96 -9.04 3.69
C PHE A 11 1.97 -7.66 3.01
N TRP A 12 2.52 -6.66 3.71
CA TRP A 12 2.58 -5.26 3.18
C TRP A 12 1.23 -4.88 2.58
N PHE A 13 0.16 -5.32 3.21
CA PHE A 13 -1.21 -5.01 2.73
C PHE A 13 -1.59 -3.60 3.14
N SER A 14 -1.37 -3.27 4.39
CA SER A 14 -1.68 -1.90 4.88
C SER A 14 -0.82 -0.87 4.13
N LEU A 15 0.38 -1.27 3.78
CA LEU A 15 1.28 -0.35 3.03
C LEU A 15 0.72 -0.14 1.61
N LEU A 16 0.24 -1.19 0.98
CA LEU A 16 -0.34 -1.05 -0.38
C LEU A 16 -1.56 -0.13 -0.35
N LEU A 17 -2.37 -0.27 0.67
CA LEU A 17 -3.57 0.60 0.80
C LEU A 17 -3.14 2.07 0.90
N LEU A 18 -2.01 2.30 1.51
CA LEU A 18 -1.50 3.69 1.65
C LEU A 18 -0.98 4.19 0.30
N ALA A 19 -0.43 3.31 -0.49
CA ALA A 19 0.08 3.71 -1.84
C ALA A 19 -1.08 4.27 -2.67
N ALA A 20 -2.21 3.59 -2.67
CA ALA A 20 -3.39 4.08 -3.45
C ALA A 20 -3.90 5.39 -2.83
N GLY A 21 -3.82 5.52 -1.52
CA GLY A 21 -4.30 6.77 -0.85
C GLY A 21 -3.41 7.95 -1.26
N VAL A 22 -2.11 7.73 -1.36
CA VAL A 22 -1.18 8.83 -1.77
C VAL A 22 -1.56 9.34 -3.17
N GLY A 23 -1.87 8.44 -4.07
CA GLY A 23 -2.27 8.85 -5.45
C GLY A 23 -3.58 9.64 -5.39
N ILE A 24 -4.54 9.15 -4.64
CA ILE A 24 -5.85 9.88 -4.51
C ILE A 24 -5.64 11.21 -3.78
N TYR A 25 -4.74 11.26 -2.83
CA TYR A 25 -4.49 12.54 -2.10
C TYR A 25 -3.93 13.58 -3.08
N LEU A 26 -3.28 13.13 -4.13
CA LEU A 26 -2.75 14.09 -5.15
C LEU A 26 -3.90 14.52 -6.06
N LEU A 27 -4.91 13.69 -6.20
CA LEU A 27 -6.09 14.04 -7.05
C LEU A 27 -7.41 13.77 -6.31
N PRO A 28 -7.56 14.36 -5.15
CA PRO A 28 -8.79 14.17 -4.34
C PRO A 28 -9.85 15.22 -4.71
N ASN A 29 -9.45 16.32 -5.30
CA ASN A 29 -10.45 17.37 -5.69
C ASN A 29 -11.18 16.97 -6.98
N ARG A 30 -10.50 16.27 -7.87
CA ARG A 30 -11.14 15.82 -9.16
C ARG A 30 -11.79 17.02 -9.88
N HIS A 1 10.60 -15.12 2.10
CA HIS A 1 11.14 -15.67 0.83
C HIS A 1 10.13 -15.48 -0.32
N SER A 2 10.57 -15.58 -1.54
CA SER A 2 9.64 -15.41 -2.70
C SER A 2 9.42 -16.75 -3.41
N VAL A 3 9.12 -17.78 -2.67
CA VAL A 3 8.88 -19.13 -3.29
C VAL A 3 7.48 -19.65 -2.91
N SER A 4 6.54 -18.78 -2.71
CA SER A 4 5.16 -19.22 -2.35
C SER A 4 4.16 -18.73 -3.39
N HIS A 5 3.94 -17.44 -3.46
CA HIS A 5 2.98 -16.88 -4.46
C HIS A 5 3.62 -15.74 -5.26
N ALA A 6 4.94 -15.67 -5.28
CA ALA A 6 5.65 -14.59 -6.03
C ALA A 6 5.14 -13.19 -5.64
N ARG A 7 4.73 -13.02 -4.40
CA ARG A 7 4.21 -11.69 -3.95
C ARG A 7 4.49 -11.49 -2.46
N PRO A 8 5.59 -10.85 -2.17
CA PRO A 8 5.98 -10.58 -0.76
C PRO A 8 5.09 -9.47 -0.16
N ARG A 9 3.98 -9.84 0.43
CA ARG A 9 3.07 -8.82 1.04
C ARG A 9 2.98 -9.02 2.55
N TRP A 10 2.17 -9.95 3.02
CA TRP A 10 2.02 -10.22 4.49
C TRP A 10 1.84 -8.90 5.27
N PHE A 11 2.90 -8.32 5.77
CA PHE A 11 2.78 -7.05 6.55
C PHE A 11 2.72 -5.83 5.60
N TRP A 12 3.29 -5.94 4.42
CA TRP A 12 3.27 -4.79 3.46
C TRP A 12 1.87 -4.56 2.89
N PHE A 13 0.89 -5.35 3.25
CA PHE A 13 -0.50 -5.15 2.73
C PHE A 13 -1.02 -3.76 3.13
N SER A 14 -0.74 -3.35 4.34
CA SER A 14 -1.19 -2.00 4.80
C SER A 14 -0.48 -0.92 3.99
N LEU A 15 0.76 -1.16 3.66
CA LEU A 15 1.53 -0.18 2.83
C LEU A 15 0.91 -0.06 1.43
N LEU A 16 0.51 -1.18 0.86
CA LEU A 16 -0.13 -1.15 -0.50
C LEU A 16 -1.48 -0.43 -0.42
N LEU A 17 -2.18 -0.60 0.68
CA LEU A 17 -3.49 0.08 0.85
C LEU A 17 -3.26 1.59 0.97
N LEU A 18 -2.15 1.97 1.54
CA LEU A 18 -1.82 3.41 1.68
C LEU A 18 -1.44 4.00 0.32
N ALA A 19 -0.87 3.19 -0.54
CA ALA A 19 -0.48 3.67 -1.90
C ALA A 19 -1.72 4.16 -2.67
N ALA A 20 -2.81 3.44 -2.55
CA ALA A 20 -4.06 3.86 -3.25
C ALA A 20 -4.57 5.18 -2.67
N GLY A 21 -4.46 5.35 -1.37
CA GLY A 21 -4.92 6.61 -0.72
C GLY A 21 -4.04 7.78 -1.20
N VAL A 22 -2.76 7.57 -1.32
CA VAL A 22 -1.85 8.66 -1.80
C VAL A 22 -2.22 9.06 -3.23
N GLY A 23 -2.59 8.10 -4.06
CA GLY A 23 -2.98 8.43 -5.47
C GLY A 23 -4.18 9.39 -5.45
N ILE A 24 -5.18 9.08 -4.67
CA ILE A 24 -6.38 9.98 -4.59
C ILE A 24 -6.00 11.27 -3.84
N TYR A 25 -5.15 11.17 -2.83
CA TYR A 25 -4.74 12.39 -2.09
C TYR A 25 -3.94 13.33 -3.02
N LEU A 26 -3.31 12.78 -4.02
CA LEU A 26 -2.55 13.63 -5.00
C LEU A 26 -3.54 14.25 -5.99
N LEU A 27 -4.71 13.65 -6.14
CA LEU A 27 -5.74 14.19 -7.08
C LEU A 27 -7.14 14.18 -6.42
N PRO A 28 -7.26 14.79 -5.26
CA PRO A 28 -8.55 14.84 -4.55
C PRO A 28 -9.36 16.07 -4.96
N ASN A 29 -8.71 17.12 -5.42
CA ASN A 29 -9.46 18.34 -5.84
C ASN A 29 -9.77 18.29 -7.35
N ARG A 30 -9.13 17.41 -8.08
CA ARG A 30 -9.38 17.29 -9.56
C ARG A 30 -9.09 18.62 -10.27
N HIS A 1 5.01 -20.85 -13.90
CA HIS A 1 3.67 -21.05 -13.26
C HIS A 1 3.84 -21.40 -11.78
N SER A 2 2.78 -21.35 -11.01
CA SER A 2 2.85 -21.68 -9.55
C SER A 2 3.95 -20.88 -8.86
N VAL A 3 4.03 -19.59 -9.12
CA VAL A 3 5.08 -18.74 -8.47
C VAL A 3 4.44 -17.62 -7.65
N SER A 4 3.21 -17.81 -7.22
CA SER A 4 2.52 -16.76 -6.40
C SER A 4 2.48 -17.14 -4.92
N HIS A 5 2.76 -18.38 -4.61
CA HIS A 5 2.71 -18.83 -3.18
C HIS A 5 4.14 -18.90 -2.60
N ALA A 6 4.97 -17.93 -2.90
CA ALA A 6 6.37 -17.94 -2.36
C ALA A 6 6.70 -16.59 -1.70
N ARG A 7 5.70 -15.84 -1.30
CA ARG A 7 5.96 -14.51 -0.65
C ARG A 7 4.92 -14.25 0.45
N PRO A 8 5.32 -13.50 1.45
CA PRO A 8 4.41 -13.18 2.57
C PRO A 8 3.33 -12.16 2.13
N ARG A 9 3.73 -10.94 1.81
CA ARG A 9 2.74 -9.90 1.38
C ARG A 9 1.63 -9.69 2.43
N TRP A 10 1.88 -10.05 3.68
CA TRP A 10 0.84 -9.86 4.73
C TRP A 10 1.16 -8.59 5.54
N PHE A 11 2.42 -8.30 5.71
CA PHE A 11 2.81 -7.07 6.47
C PHE A 11 2.83 -5.86 5.52
N TRP A 12 2.79 -6.07 4.23
CA TRP A 12 2.81 -4.94 3.26
C TRP A 12 1.42 -4.70 2.67
N PHE A 13 0.40 -5.37 3.16
CA PHE A 13 -0.98 -5.15 2.61
C PHE A 13 -1.46 -3.75 3.00
N SER A 14 -1.33 -3.41 4.25
CA SER A 14 -1.76 -2.05 4.72
C SER A 14 -0.89 -0.99 4.02
N LEU A 15 0.35 -1.33 3.76
CA LEU A 15 1.26 -0.38 3.06
C LEU A 15 0.74 -0.15 1.64
N LEU A 16 0.29 -1.19 0.97
CA LEU A 16 -0.25 -1.05 -0.41
C LEU A 16 -1.51 -0.18 -0.38
N LEU A 17 -2.34 -0.38 0.61
CA LEU A 17 -3.58 0.44 0.74
C LEU A 17 -3.21 1.90 0.94
N LEU A 18 -2.13 2.14 1.66
CA LEU A 18 -1.66 3.54 1.90
C LEU A 18 -1.12 4.13 0.59
N ALA A 19 -0.47 3.31 -0.21
CA ALA A 19 0.07 3.79 -1.52
C ALA A 19 -1.09 4.26 -2.42
N ALA A 20 -2.17 3.51 -2.43
CA ALA A 20 -3.35 3.91 -3.27
C ALA A 20 -3.91 5.24 -2.77
N GLY A 21 -3.94 5.45 -1.47
CA GLY A 21 -4.47 6.72 -0.91
C GLY A 21 -3.54 7.88 -1.32
N VAL A 22 -2.25 7.64 -1.36
CA VAL A 22 -1.29 8.71 -1.77
C VAL A 22 -1.60 9.17 -3.20
N GLY A 23 -1.89 8.23 -4.07
CA GLY A 23 -2.22 8.59 -5.49
C GLY A 23 -3.52 9.41 -5.51
N ILE A 24 -4.52 8.99 -4.79
CA ILE A 24 -5.81 9.75 -4.76
C ILE A 24 -5.60 11.09 -4.03
N TYR A 25 -4.72 11.13 -3.05
CA TYR A 25 -4.46 12.42 -2.34
C TYR A 25 -3.93 13.47 -3.32
N LEU A 26 -3.36 13.04 -4.42
CA LEU A 26 -2.86 14.01 -5.43
C LEU A 26 -4.02 14.48 -6.32
N LEU A 27 -5.12 13.76 -6.32
CA LEU A 27 -6.30 14.17 -7.14
C LEU A 27 -7.62 14.01 -6.35
N PRO A 28 -7.66 14.57 -5.16
CA PRO A 28 -8.88 14.46 -4.33
C PRO A 28 -9.83 15.64 -4.59
N ASN A 29 -9.32 16.74 -5.11
CA ASN A 29 -10.19 17.92 -5.39
C ASN A 29 -10.78 17.83 -6.81
N ARG A 30 -10.02 17.36 -7.75
CA ARG A 30 -10.53 17.24 -9.16
C ARG A 30 -11.16 15.85 -9.38
N HIS A 1 12.26 -12.46 18.87
CA HIS A 1 11.02 -13.27 19.02
C HIS A 1 9.79 -12.37 19.05
N SER A 2 8.76 -12.72 18.32
CA SER A 2 7.51 -11.89 18.28
C SER A 2 7.84 -10.42 17.93
N VAL A 3 8.74 -10.20 17.02
CA VAL A 3 9.10 -8.80 16.63
C VAL A 3 8.75 -8.55 15.15
N SER A 4 7.83 -9.31 14.60
CA SER A 4 7.44 -9.10 13.17
C SER A 4 6.07 -8.43 13.07
N HIS A 5 5.34 -8.36 14.15
CA HIS A 5 4.00 -7.71 14.12
C HIS A 5 4.10 -6.21 14.45
N ALA A 6 5.16 -5.57 14.04
CA ALA A 6 5.31 -4.10 14.33
C ALA A 6 5.64 -3.33 13.04
N ARG A 7 5.30 -3.86 11.89
CA ARG A 7 5.58 -3.15 10.60
C ARG A 7 4.58 -3.59 9.52
N PRO A 8 4.18 -2.64 8.69
CA PRO A 8 3.21 -2.94 7.60
C PRO A 8 3.92 -3.72 6.48
N ARG A 9 4.07 -5.01 6.64
CA ARG A 9 4.77 -5.82 5.59
C ARG A 9 4.02 -7.13 5.28
N TRP A 10 2.84 -7.33 5.83
CA TRP A 10 2.06 -8.57 5.51
C TRP A 10 1.72 -8.50 4.03
N PHE A 11 2.61 -8.99 3.18
CA PHE A 11 2.40 -8.85 1.72
C PHE A 11 2.28 -7.35 1.41
N TRP A 12 2.87 -6.53 2.28
CA TRP A 12 2.80 -5.04 2.15
C TRP A 12 1.36 -4.63 1.82
N PHE A 13 0.41 -5.30 2.44
CA PHE A 13 -1.03 -4.99 2.22
C PHE A 13 -1.36 -3.61 2.77
N SER A 14 -1.11 -3.41 4.04
CA SER A 14 -1.38 -2.07 4.66
C SER A 14 -0.53 -1.02 3.94
N LEU A 15 0.65 -1.40 3.53
CA LEU A 15 1.53 -0.45 2.79
C LEU A 15 0.86 -0.10 1.46
N LEU A 16 0.33 -1.09 0.78
CA LEU A 16 -0.38 -0.83 -0.52
C LEU A 16 -1.66 -0.04 -0.25
N LEU A 17 -2.33 -0.35 0.82
CA LEU A 17 -3.58 0.38 1.19
C LEU A 17 -3.23 1.85 1.46
N LEU A 18 -2.09 2.08 2.05
CA LEU A 18 -1.65 3.48 2.34
C LEU A 18 -1.21 4.15 1.03
N ALA A 19 -0.61 3.40 0.16
CA ALA A 19 -0.16 3.97 -1.15
C ALA A 19 -1.37 4.42 -1.97
N ALA A 20 -2.45 3.68 -1.93
CA ALA A 20 -3.67 4.07 -2.70
C ALA A 20 -4.19 5.41 -2.17
N GLY A 21 -4.18 5.61 -0.88
CA GLY A 21 -4.66 6.90 -0.29
C GLY A 21 -3.75 8.04 -0.75
N VAL A 22 -2.46 7.79 -0.83
CA VAL A 22 -1.51 8.86 -1.29
C VAL A 22 -1.84 9.26 -2.74
N GLY A 23 -2.15 8.30 -3.58
CA GLY A 23 -2.49 8.62 -5.00
C GLY A 23 -3.77 9.46 -5.05
N ILE A 24 -4.75 9.12 -4.24
CA ILE A 24 -6.03 9.91 -4.23
C ILE A 24 -5.75 11.33 -3.69
N TYR A 25 -4.88 11.46 -2.73
CA TYR A 25 -4.57 12.83 -2.20
C TYR A 25 -3.91 13.67 -3.30
N LEU A 26 -3.26 13.03 -4.24
CA LEU A 26 -2.64 13.78 -5.37
C LEU A 26 -3.72 14.15 -6.38
N LEU A 27 -4.80 13.40 -6.40
CA LEU A 27 -5.93 13.69 -7.34
C LEU A 27 -7.29 13.61 -6.62
N PRO A 28 -7.43 14.38 -5.57
CA PRO A 28 -8.70 14.39 -4.79
C PRO A 28 -9.67 15.45 -5.33
N ASN A 29 -9.17 16.43 -6.04
CA ASN A 29 -10.07 17.50 -6.59
C ASN A 29 -10.26 17.32 -8.11
N ARG A 30 -9.75 16.25 -8.67
CA ARG A 30 -9.91 16.01 -10.13
C ARG A 30 -10.04 14.51 -10.43
N HIS A 1 2.56 -18.64 -11.96
CA HIS A 1 2.94 -20.09 -12.04
C HIS A 1 3.78 -20.48 -10.84
N SER A 2 3.45 -21.60 -10.21
CA SER A 2 4.23 -22.07 -9.01
C SER A 2 4.37 -20.94 -7.96
N VAL A 3 3.28 -20.25 -7.68
CA VAL A 3 3.32 -19.14 -6.66
C VAL A 3 4.41 -18.11 -7.02
N SER A 4 4.68 -17.93 -8.29
CA SER A 4 5.73 -16.94 -8.71
C SER A 4 5.10 -15.73 -9.39
N HIS A 5 3.86 -15.83 -9.80
CA HIS A 5 3.18 -14.68 -10.48
C HIS A 5 1.77 -14.51 -9.93
N ALA A 6 1.65 -14.22 -8.65
CA ALA A 6 0.30 -14.04 -8.04
C ALA A 6 0.27 -12.76 -7.19
N ARG A 7 0.74 -12.83 -5.97
CA ARG A 7 0.74 -11.62 -5.09
C ARG A 7 1.97 -11.64 -4.18
N PRO A 8 3.05 -11.07 -4.66
CA PRO A 8 4.32 -11.03 -3.87
C PRO A 8 4.21 -10.09 -2.65
N ARG A 9 3.16 -9.31 -2.57
CA ARG A 9 3.01 -8.38 -1.41
C ARG A 9 2.65 -9.16 -0.14
N TRP A 10 1.47 -9.73 -0.09
CA TRP A 10 1.03 -10.51 1.13
C TRP A 10 1.09 -9.61 2.37
N PHE A 11 2.24 -9.50 3.01
CA PHE A 11 2.34 -8.62 4.21
C PHE A 11 2.39 -7.15 3.79
N TRP A 12 2.70 -6.87 2.54
CA TRP A 12 2.75 -5.44 2.07
C TRP A 12 1.35 -4.94 1.68
N PHE A 13 0.30 -5.61 2.10
CA PHE A 13 -1.07 -5.14 1.75
C PHE A 13 -1.37 -3.83 2.47
N SER A 14 -0.98 -3.73 3.71
CA SER A 14 -1.22 -2.46 4.47
C SER A 14 -0.45 -1.32 3.81
N LEU A 15 0.71 -1.62 3.30
CA LEU A 15 1.53 -0.58 2.59
C LEU A 15 0.77 -0.10 1.35
N LEU A 16 0.17 -1.02 0.62
CA LEU A 16 -0.61 -0.63 -0.60
C LEU A 16 -1.78 0.26 -0.21
N LEU A 17 -2.40 -0.04 0.90
CA LEU A 17 -3.55 0.80 1.38
C LEU A 17 -3.06 2.22 1.65
N LEU A 18 -1.86 2.33 2.15
CA LEU A 18 -1.28 3.69 2.43
C LEU A 18 -0.95 4.40 1.12
N ALA A 19 -0.54 3.65 0.13
CA ALA A 19 -0.21 4.26 -1.19
C ALA A 19 -1.50 4.73 -1.89
N ALA A 20 -2.57 3.98 -1.73
CA ALA A 20 -3.87 4.39 -2.37
C ALA A 20 -4.33 5.73 -1.79
N GLY A 21 -4.19 5.92 -0.50
CA GLY A 21 -4.60 7.21 0.13
C GLY A 21 -3.72 8.34 -0.42
N VAL A 22 -2.43 8.13 -0.48
CA VAL A 22 -1.51 9.18 -1.01
C VAL A 22 -1.79 9.42 -2.50
N GLY A 23 -2.04 8.37 -3.24
CA GLY A 23 -2.33 8.52 -4.71
C GLY A 23 -3.62 9.34 -4.88
N ILE A 24 -4.66 8.98 -4.17
CA ILE A 24 -5.95 9.76 -4.28
C ILE A 24 -5.74 11.18 -3.76
N TYR A 25 -4.93 11.35 -2.74
CA TYR A 25 -4.69 12.74 -2.21
C TYR A 25 -4.04 13.60 -3.30
N LEU A 26 -3.34 12.99 -4.23
CA LEU A 26 -2.71 13.76 -5.33
C LEU A 26 -3.78 14.08 -6.39
N LEU A 27 -4.81 13.27 -6.47
CA LEU A 27 -5.89 13.51 -7.47
C LEU A 27 -7.28 13.43 -6.80
N PRO A 28 -7.48 14.19 -5.74
CA PRO A 28 -8.78 14.18 -5.03
C PRO A 28 -9.73 15.24 -5.62
N ASN A 29 -9.19 16.23 -6.29
CA ASN A 29 -10.04 17.29 -6.90
C ASN A 29 -10.22 17.04 -8.40
N ARG A 30 -9.17 16.58 -9.05
CA ARG A 30 -9.28 16.31 -10.52
C ARG A 30 -9.87 14.91 -10.76
N HIS A 1 19.94 -15.10 8.15
CA HIS A 1 19.13 -15.63 7.00
C HIS A 1 17.75 -16.09 7.49
N SER A 2 17.04 -15.24 8.19
CA SER A 2 15.69 -15.62 8.70
C SER A 2 14.62 -14.71 8.08
N VAL A 3 14.60 -14.61 6.77
CA VAL A 3 13.58 -13.76 6.07
C VAL A 3 13.60 -12.33 6.64
N SER A 4 14.74 -11.69 6.64
CA SER A 4 14.82 -10.29 7.19
C SER A 4 14.49 -9.26 6.10
N HIS A 5 14.57 -9.65 4.85
CA HIS A 5 14.25 -8.70 3.74
C HIS A 5 13.59 -9.46 2.57
N ALA A 6 12.70 -10.38 2.87
CA ALA A 6 12.01 -11.14 1.79
C ALA A 6 10.63 -10.54 1.48
N ARG A 7 10.48 -9.24 1.63
CA ARG A 7 9.17 -8.57 1.35
C ARG A 7 8.03 -9.21 2.16
N PRO A 8 7.88 -8.75 3.38
CA PRO A 8 6.82 -9.28 4.28
C PRO A 8 5.43 -8.81 3.82
N ARG A 9 4.73 -9.66 3.10
CA ARG A 9 3.36 -9.29 2.60
C ARG A 9 2.41 -9.00 3.78
N TRP A 10 2.60 -9.68 4.89
CA TRP A 10 1.72 -9.46 6.08
C TRP A 10 1.70 -7.98 6.47
N PHE A 11 2.84 -7.33 6.42
CA PHE A 11 2.90 -5.88 6.78
C PHE A 11 2.87 -5.02 5.51
N TRP A 12 3.45 -5.50 4.44
CA TRP A 12 3.46 -4.72 3.16
C TRP A 12 2.04 -4.54 2.62
N PHE A 13 1.14 -5.42 2.96
CA PHE A 13 -0.27 -5.28 2.47
C PHE A 13 -0.86 -3.97 2.97
N SER A 14 -0.62 -3.65 4.21
CA SER A 14 -1.14 -2.37 4.79
C SER A 14 -0.51 -1.19 4.04
N LEU A 15 0.71 -1.33 3.63
CA LEU A 15 1.40 -0.24 2.87
C LEU A 15 0.73 -0.08 1.51
N LEU A 16 0.40 -1.17 0.85
CA LEU A 16 -0.26 -1.08 -0.48
C LEU A 16 -1.62 -0.37 -0.34
N LEU A 17 -2.32 -0.66 0.71
CA LEU A 17 -3.64 0.01 0.95
C LEU A 17 -3.42 1.51 1.15
N LEU A 18 -2.29 1.87 1.72
CA LEU A 18 -1.97 3.30 1.95
C LEU A 18 -1.53 3.94 0.63
N ALA A 19 -0.89 3.18 -0.23
CA ALA A 19 -0.44 3.73 -1.54
C ALA A 19 -1.64 4.20 -2.36
N ALA A 20 -2.73 3.47 -2.34
CA ALA A 20 -3.94 3.89 -3.10
C ALA A 20 -4.46 5.22 -2.55
N GLY A 21 -4.48 5.36 -1.25
CA GLY A 21 -4.97 6.64 -0.63
C GLY A 21 -4.06 7.79 -1.07
N VAL A 22 -2.77 7.55 -1.15
CA VAL A 22 -1.83 8.64 -1.58
C VAL A 22 -2.15 9.08 -3.02
N GLY A 23 -2.44 8.13 -3.89
CA GLY A 23 -2.79 8.48 -5.30
C GLY A 23 -4.03 9.38 -5.32
N ILE A 24 -5.01 9.04 -4.51
CA ILE A 24 -6.25 9.87 -4.44
C ILE A 24 -5.92 11.24 -3.84
N TYR A 25 -5.02 11.29 -2.89
CA TYR A 25 -4.63 12.60 -2.27
C TYR A 25 -3.99 13.51 -3.33
N LEU A 26 -3.46 12.93 -4.38
CA LEU A 26 -2.83 13.76 -5.46
C LEU A 26 -3.93 14.24 -6.43
N LEU A 27 -5.02 13.53 -6.51
CA LEU A 27 -6.12 13.94 -7.43
C LEU A 27 -7.49 14.07 -6.69
N PRO A 28 -7.48 14.69 -5.53
CA PRO A 28 -8.74 14.87 -4.77
C PRO A 28 -9.43 16.18 -5.20
N ASN A 29 -8.68 17.25 -5.29
CA ASN A 29 -9.27 18.55 -5.70
C ASN A 29 -8.79 18.93 -7.11
N ARG A 30 -8.09 18.04 -7.79
CA ARG A 30 -7.59 18.34 -9.18
C ARG A 30 -6.61 19.53 -9.16
N HIS A 1 19.24 -7.32 3.56
CA HIS A 1 18.75 -7.53 2.16
C HIS A 1 18.22 -8.96 2.00
N SER A 2 17.21 -9.32 2.75
CA SER A 2 16.64 -10.70 2.65
C SER A 2 15.28 -10.68 1.92
N VAL A 3 15.08 -9.71 1.06
CA VAL A 3 13.78 -9.61 0.30
C VAL A 3 12.59 -9.71 1.27
N SER A 4 12.62 -8.98 2.36
CA SER A 4 11.50 -9.02 3.35
C SER A 4 10.38 -8.06 2.95
N HIS A 5 10.67 -7.11 2.09
CA HIS A 5 9.62 -6.14 1.65
C HIS A 5 9.20 -6.43 0.21
N ALA A 6 9.21 -7.68 -0.18
CA ALA A 6 8.81 -8.05 -1.58
C ALA A 6 8.42 -9.54 -1.65
N ARG A 7 7.68 -10.01 -0.67
CA ARG A 7 7.26 -11.45 -0.67
C ARG A 7 6.12 -11.66 0.36
N PRO A 8 6.40 -11.40 1.62
CA PRO A 8 5.36 -11.58 2.67
C PRO A 8 4.33 -10.44 2.60
N ARG A 9 3.10 -10.75 2.87
CA ARG A 9 2.02 -9.72 2.82
C ARG A 9 1.59 -9.32 4.25
N TRP A 10 0.31 -9.07 4.48
CA TRP A 10 -0.19 -8.67 5.83
C TRP A 10 0.39 -7.31 6.24
N PHE A 11 1.60 -7.28 6.77
CA PHE A 11 2.20 -5.96 7.16
C PHE A 11 2.43 -5.10 5.91
N TRP A 12 2.74 -5.71 4.80
CA TRP A 12 2.95 -4.93 3.54
C TRP A 12 1.61 -4.65 2.86
N PHE A 13 0.60 -5.42 3.16
CA PHE A 13 -0.75 -5.18 2.56
C PHE A 13 -1.27 -3.81 2.96
N SER A 14 -1.09 -3.46 4.20
CA SER A 14 -1.54 -2.12 4.68
C SER A 14 -0.76 -1.03 3.95
N LEU A 15 0.50 -1.29 3.69
CA LEU A 15 1.34 -0.30 2.96
C LEU A 15 0.78 -0.11 1.55
N LEU A 16 0.37 -1.17 0.91
CA LEU A 16 -0.21 -1.07 -0.47
C LEU A 16 -1.48 -0.23 -0.43
N LEU A 17 -2.31 -0.46 0.57
CA LEU A 17 -3.57 0.33 0.69
C LEU A 17 -3.22 1.81 0.91
N LEU A 18 -2.15 2.05 1.64
CA LEU A 18 -1.70 3.45 1.88
C LEU A 18 -1.20 4.06 0.57
N ALA A 19 -0.57 3.27 -0.25
CA ALA A 19 -0.06 3.79 -1.57
C ALA A 19 -1.24 4.22 -2.45
N ALA A 20 -2.32 3.48 -2.43
CA ALA A 20 -3.52 3.86 -3.24
C ALA A 20 -4.08 5.19 -2.74
N GLY A 21 -4.08 5.40 -1.43
CA GLY A 21 -4.60 6.69 -0.88
C GLY A 21 -3.67 7.83 -1.29
N VAL A 22 -2.38 7.60 -1.32
CA VAL A 22 -1.42 8.67 -1.73
C VAL A 22 -1.73 9.11 -3.17
N GLY A 23 -2.06 8.18 -4.03
CA GLY A 23 -2.39 8.53 -5.44
C GLY A 23 -3.67 9.36 -5.47
N ILE A 24 -4.70 8.93 -4.78
CA ILE A 24 -5.98 9.71 -4.76
C ILE A 24 -5.77 11.05 -4.03
N TYR A 25 -4.86 11.10 -3.08
CA TYR A 25 -4.60 12.39 -2.36
C TYR A 25 -4.06 13.43 -3.34
N LEU A 26 -3.49 13.00 -4.44
CA LEU A 26 -2.97 13.96 -5.45
C LEU A 26 -4.10 14.44 -6.37
N LEU A 27 -5.18 13.67 -6.45
CA LEU A 27 -6.33 14.08 -7.32
C LEU A 27 -7.67 14.00 -6.56
N PRO A 28 -7.71 14.52 -5.35
CA PRO A 28 -8.97 14.50 -4.55
C PRO A 28 -9.79 15.77 -4.84
N ASN A 29 -9.15 16.92 -4.83
CA ASN A 29 -9.87 18.19 -5.11
C ASN A 29 -9.49 18.73 -6.49
N ARG A 30 -8.24 18.57 -6.87
CA ARG A 30 -7.79 19.06 -8.21
C ARG A 30 -8.27 18.10 -9.31
N HIS A 1 -2.62 -3.94 15.58
CA HIS A 1 -1.26 -4.00 16.21
C HIS A 1 -0.61 -5.35 15.93
N SER A 2 0.45 -5.69 16.65
CA SER A 2 1.15 -6.99 16.44
C SER A 2 1.83 -7.01 15.07
N VAL A 3 3.06 -6.56 15.02
CA VAL A 3 3.81 -6.55 13.72
C VAL A 3 4.69 -7.81 13.60
N SER A 4 4.43 -8.82 14.40
CA SER A 4 5.25 -10.07 14.32
C SER A 4 4.98 -10.79 13.00
N HIS A 5 3.81 -10.59 12.43
CA HIS A 5 3.48 -11.23 11.13
C HIS A 5 3.52 -10.20 10.00
N ALA A 6 4.45 -9.27 10.08
CA ALA A 6 4.59 -8.21 9.02
C ALA A 6 3.26 -7.45 8.87
N ARG A 7 2.87 -6.71 9.88
CA ARG A 7 1.59 -5.93 9.81
C ARG A 7 1.54 -5.04 8.56
N PRO A 8 2.57 -4.24 8.36
CA PRO A 8 2.62 -3.34 7.17
C PRO A 8 2.82 -4.14 5.88
N ARG A 9 3.35 -5.34 5.97
CA ARG A 9 3.58 -6.16 4.76
C ARG A 9 2.37 -7.06 4.49
N TRP A 10 2.41 -8.33 4.85
CA TRP A 10 1.25 -9.23 4.57
C TRP A 10 0.93 -9.08 3.08
N PHE A 11 1.86 -9.45 2.23
CA PHE A 11 1.68 -9.25 0.76
C PHE A 11 1.64 -7.73 0.52
N TRP A 12 2.29 -6.98 1.39
CA TRP A 12 2.30 -5.48 1.31
C TRP A 12 0.88 -4.94 1.10
N PHE A 13 -0.05 -5.46 1.85
CA PHE A 13 -1.47 -5.00 1.74
C PHE A 13 -1.64 -3.69 2.50
N SER A 14 -1.16 -3.66 3.72
CA SER A 14 -1.26 -2.41 4.54
C SER A 14 -0.43 -1.31 3.87
N LEU A 15 0.67 -1.68 3.28
CA LEU A 15 1.53 -0.68 2.58
C LEU A 15 0.79 -0.14 1.35
N LEU A 16 0.12 -1.01 0.63
CA LEU A 16 -0.65 -0.56 -0.58
C LEU A 16 -1.78 0.39 -0.15
N LEU A 17 -2.42 0.09 0.95
CA LEU A 17 -3.52 0.96 1.45
C LEU A 17 -2.95 2.37 1.74
N LEU A 18 -1.75 2.42 2.23
CA LEU A 18 -1.10 3.73 2.53
C LEU A 18 -0.76 4.43 1.22
N ALA A 19 -0.37 3.68 0.22
CA ALA A 19 -0.03 4.28 -1.11
C ALA A 19 -1.30 4.80 -1.79
N ALA A 20 -2.40 4.11 -1.63
CA ALA A 20 -3.69 4.55 -2.25
C ALA A 20 -4.15 5.87 -1.63
N GLY A 21 -4.00 6.02 -0.34
CA GLY A 21 -4.43 7.30 0.32
C GLY A 21 -3.58 8.46 -0.20
N VAL A 22 -2.28 8.28 -0.24
CA VAL A 22 -1.39 9.37 -0.77
C VAL A 22 -1.67 9.60 -2.27
N GLY A 23 -1.89 8.53 -3.01
CA GLY A 23 -2.18 8.68 -4.47
C GLY A 23 -3.50 9.42 -4.66
N ILE A 24 -4.51 9.06 -3.91
CA ILE A 24 -5.84 9.75 -4.05
C ILE A 24 -5.70 11.21 -3.62
N TYR A 25 -4.92 11.51 -2.61
CA TYR A 25 -4.75 12.94 -2.19
C TYR A 25 -4.08 13.73 -3.32
N LEU A 26 -3.32 13.07 -4.15
CA LEU A 26 -2.66 13.78 -5.29
C LEU A 26 -3.71 13.97 -6.40
N LEU A 27 -4.70 13.11 -6.45
CA LEU A 27 -5.77 13.24 -7.49
C LEU A 27 -7.17 13.12 -6.85
N PRO A 28 -7.45 13.97 -5.88
CA PRO A 28 -8.76 13.96 -5.20
C PRO A 28 -9.76 14.88 -5.90
N ASN A 29 -9.28 15.84 -6.65
CA ASN A 29 -10.21 16.78 -7.38
C ASN A 29 -10.96 16.03 -8.48
N ARG A 30 -10.32 15.09 -9.14
CA ARG A 30 -10.97 14.31 -10.23
C ARG A 30 -11.42 15.21 -11.38
N HIS A 1 19.10 -14.90 -1.61
CA HIS A 1 17.91 -15.78 -1.91
C HIS A 1 16.62 -15.00 -1.63
N SER A 2 15.77 -14.86 -2.62
CA SER A 2 14.49 -14.10 -2.42
C SER A 2 13.29 -14.96 -2.83
N VAL A 3 13.40 -16.27 -2.76
CA VAL A 3 12.25 -17.15 -3.14
C VAL A 3 11.80 -17.98 -1.92
N SER A 4 11.57 -17.33 -0.81
CA SER A 4 11.12 -18.07 0.41
C SER A 4 9.60 -18.27 0.37
N HIS A 5 8.88 -17.28 -0.05
CA HIS A 5 7.40 -17.38 -0.14
C HIS A 5 6.89 -16.70 -1.41
N ALA A 6 7.69 -16.67 -2.45
CA ALA A 6 7.27 -16.02 -3.74
C ALA A 6 6.78 -14.59 -3.49
N ARG A 7 7.57 -13.79 -2.80
CA ARG A 7 7.18 -12.37 -2.50
C ARG A 7 5.80 -12.32 -1.83
N PRO A 8 5.78 -12.67 -0.57
CA PRO A 8 4.50 -12.65 0.20
C PRO A 8 4.04 -11.21 0.46
N ARG A 9 2.76 -11.00 0.52
CA ARG A 9 2.22 -9.63 0.77
C ARG A 9 1.71 -9.48 2.21
N TRP A 10 2.15 -10.34 3.11
CA TRP A 10 1.70 -10.29 4.54
C TRP A 10 1.61 -8.84 5.08
N PHE A 11 2.68 -8.26 5.55
CA PHE A 11 2.62 -6.86 6.08
C PHE A 11 2.72 -5.82 4.94
N TRP A 12 2.40 -6.20 3.72
CA TRP A 12 2.48 -5.24 2.58
C TRP A 12 1.07 -4.76 2.20
N PHE A 13 0.06 -5.53 2.52
CA PHE A 13 -1.34 -5.12 2.17
C PHE A 13 -1.64 -3.75 2.77
N SER A 14 -1.31 -3.56 4.02
CA SER A 14 -1.55 -2.24 4.70
C SER A 14 -0.71 -1.16 4.02
N LEU A 15 0.49 -1.50 3.63
CA LEU A 15 1.38 -0.52 2.94
C LEU A 15 0.81 -0.18 1.57
N LEU A 16 0.30 -1.16 0.86
CA LEU A 16 -0.30 -0.89 -0.48
C LEU A 16 -1.52 0.01 -0.33
N LEU A 17 -2.30 -0.21 0.70
CA LEU A 17 -3.50 0.64 0.95
C LEU A 17 -3.06 2.09 1.19
N LEU A 18 -1.96 2.25 1.86
CA LEU A 18 -1.42 3.62 2.12
C LEU A 18 -0.95 4.25 0.81
N ALA A 19 -0.39 3.46 -0.07
CA ALA A 19 0.08 3.98 -1.38
C ALA A 19 -1.12 4.45 -2.22
N ALA A 20 -2.21 3.72 -2.16
CA ALA A 20 -3.43 4.13 -2.93
C ALA A 20 -3.96 5.47 -2.41
N GLY A 21 -3.90 5.68 -1.11
CA GLY A 21 -4.38 6.98 -0.54
C GLY A 21 -3.46 8.11 -1.00
N VAL A 22 -2.17 7.86 -1.09
CA VAL A 22 -1.22 8.93 -1.55
C VAL A 22 -1.59 9.36 -2.98
N GLY A 23 -1.87 8.40 -3.85
CA GLY A 23 -2.25 8.75 -5.25
C GLY A 23 -3.56 9.53 -5.25
N ILE A 24 -4.53 9.10 -4.48
CA ILE A 24 -5.83 9.83 -4.43
C ILE A 24 -5.62 11.22 -3.80
N TYR A 25 -4.72 11.34 -2.84
CA TYR A 25 -4.47 12.69 -2.23
C TYR A 25 -3.93 13.64 -3.30
N LEU A 26 -3.28 13.12 -4.31
CA LEU A 26 -2.77 13.98 -5.41
C LEU A 26 -3.93 14.35 -6.34
N LEU A 27 -4.97 13.54 -6.37
CA LEU A 27 -6.15 13.82 -7.23
C LEU A 27 -7.46 13.61 -6.46
N PRO A 28 -7.61 14.30 -5.35
CA PRO A 28 -8.83 14.18 -4.52
C PRO A 28 -9.89 15.22 -4.94
N ASN A 29 -9.49 16.29 -5.58
CA ASN A 29 -10.48 17.32 -6.03
C ASN A 29 -10.86 17.12 -7.51
N ARG A 30 -10.40 16.06 -8.12
CA ARG A 30 -10.74 15.80 -9.56
C ARG A 30 -11.11 14.32 -9.76
N HIS A 1 8.83 -25.99 8.05
CA HIS A 1 8.34 -26.41 6.70
C HIS A 1 6.88 -25.98 6.50
N SER A 2 6.50 -24.83 7.01
CA SER A 2 5.09 -24.36 6.85
C SER A 2 5.05 -22.92 6.32
N VAL A 3 6.02 -22.53 5.52
CA VAL A 3 6.05 -21.13 4.97
C VAL A 3 5.89 -20.10 6.10
N SER A 4 6.64 -20.26 7.17
CA SER A 4 6.54 -19.30 8.31
C SER A 4 7.53 -18.14 8.13
N HIS A 5 8.62 -18.39 7.45
CA HIS A 5 9.62 -17.31 7.21
C HIS A 5 9.97 -17.20 5.72
N ALA A 6 9.01 -17.45 4.86
CA ALA A 6 9.27 -17.36 3.39
C ALA A 6 8.28 -16.38 2.73
N ARG A 7 7.96 -15.31 3.42
CA ARG A 7 7.01 -14.30 2.84
C ARG A 7 7.40 -12.88 3.28
N PRO A 8 8.32 -12.29 2.54
CA PRO A 8 8.80 -10.92 2.87
C PRO A 8 7.72 -9.86 2.58
N ARG A 9 6.78 -10.15 1.72
CA ARG A 9 5.71 -9.15 1.39
C ARG A 9 4.40 -9.46 2.14
N TRP A 10 4.47 -10.26 3.19
CA TRP A 10 3.21 -10.60 3.96
C TRP A 10 2.74 -9.39 4.79
N PHE A 11 3.63 -8.54 5.22
CA PHE A 11 3.23 -7.35 6.02
C PHE A 11 3.23 -6.09 5.16
N TRP A 12 3.19 -6.23 3.85
CA TRP A 12 3.19 -5.04 2.95
C TRP A 12 1.79 -4.80 2.37
N PHE A 13 0.79 -5.49 2.87
CA PHE A 13 -0.60 -5.30 2.36
C PHE A 13 -1.14 -3.95 2.86
N SER A 14 -0.89 -3.65 4.10
CA SER A 14 -1.35 -2.34 4.67
C SER A 14 -0.63 -1.20 3.96
N LEU A 15 0.61 -1.43 3.61
CA LEU A 15 1.39 -0.38 2.89
C LEU A 15 0.74 -0.13 1.52
N LEU A 16 0.30 -1.17 0.87
CA LEU A 16 -0.38 -1.01 -0.46
C LEU A 16 -1.68 -0.22 -0.28
N LEU A 17 -2.39 -0.49 0.78
CA LEU A 17 -3.67 0.26 1.05
C LEU A 17 -3.36 1.75 1.23
N LEU A 18 -2.23 2.05 1.80
CA LEU A 18 -1.83 3.47 2.00
C LEU A 18 -1.38 4.08 0.67
N ALA A 19 -0.80 3.28 -0.19
CA ALA A 19 -0.34 3.80 -1.52
C ALA A 19 -1.54 4.33 -2.31
N ALA A 20 -2.65 3.62 -2.27
CA ALA A 20 -3.87 4.09 -3.02
C ALA A 20 -4.33 5.44 -2.45
N GLY A 21 -4.27 5.60 -1.15
CA GLY A 21 -4.69 6.90 -0.53
C GLY A 21 -3.74 8.02 -1.00
N VAL A 22 -2.47 7.72 -1.13
CA VAL A 22 -1.50 8.76 -1.59
C VAL A 22 -1.87 9.22 -3.01
N GLY A 23 -2.23 8.31 -3.87
CA GLY A 23 -2.62 8.68 -5.27
C GLY A 23 -3.88 9.56 -5.22
N ILE A 24 -4.83 9.22 -4.38
CA ILE A 24 -6.08 10.04 -4.28
C ILE A 24 -5.74 11.43 -3.71
N TYR A 25 -4.83 11.51 -2.76
CA TYR A 25 -4.45 12.85 -2.20
C TYR A 25 -3.81 13.70 -3.30
N LEU A 26 -3.21 13.08 -4.28
CA LEU A 26 -2.60 13.86 -5.40
C LEU A 26 -3.72 14.29 -6.36
N LEU A 27 -4.81 13.56 -6.38
CA LEU A 27 -5.94 13.90 -7.28
C LEU A 27 -7.28 13.86 -6.52
N PRO A 28 -7.37 14.59 -5.43
CA PRO A 28 -8.61 14.62 -4.62
C PRO A 28 -9.55 15.73 -5.09
N ASN A 29 -9.03 16.73 -5.77
CA ASN A 29 -9.89 17.85 -6.26
C ASN A 29 -10.71 17.42 -7.48
N ARG A 30 -10.25 16.42 -8.21
CA ARG A 30 -11.01 15.96 -9.42
C ARG A 30 -10.86 14.43 -9.58
N HIS A 1 -6.11 -9.53 -7.30
CA HIS A 1 -6.46 -10.21 -6.02
C HIS A 1 -6.56 -11.73 -6.23
N SER A 2 -6.34 -12.49 -5.18
CA SER A 2 -6.43 -13.99 -5.26
C SER A 2 -5.81 -14.51 -6.58
N VAL A 3 -4.57 -14.19 -6.83
CA VAL A 3 -3.90 -14.67 -8.09
C VAL A 3 -3.07 -15.94 -7.82
N SER A 4 -3.49 -16.74 -6.87
CA SER A 4 -2.76 -18.01 -6.50
C SER A 4 -1.50 -17.70 -5.69
N HIS A 5 -0.71 -16.79 -6.15
CA HIS A 5 0.54 -16.42 -5.42
C HIS A 5 0.28 -15.19 -4.51
N ALA A 6 -0.92 -15.03 -4.04
CA ALA A 6 -1.24 -13.87 -3.15
C ALA A 6 -1.26 -14.29 -1.67
N ARG A 7 -0.54 -15.34 -1.33
CA ARG A 7 -0.51 -15.80 0.09
C ARG A 7 0.37 -14.87 0.95
N PRO A 8 1.58 -14.59 0.48
CA PRO A 8 2.49 -13.70 1.24
C PRO A 8 2.03 -12.23 1.12
N ARG A 9 2.86 -11.29 1.52
CA ARG A 9 2.49 -9.84 1.46
C ARG A 9 1.31 -9.55 2.40
N TRP A 10 1.22 -10.25 3.50
CA TRP A 10 0.12 -10.02 4.48
C TRP A 10 0.37 -8.75 5.29
N PHE A 11 1.57 -8.58 5.80
CA PHE A 11 1.89 -7.36 6.60
C PHE A 11 2.07 -6.15 5.69
N TRP A 12 2.50 -6.36 4.46
CA TRP A 12 2.71 -5.20 3.52
C TRP A 12 1.39 -4.81 2.83
N PHE A 13 0.31 -5.48 3.12
CA PHE A 13 -1.00 -5.11 2.48
C PHE A 13 -1.43 -3.71 2.94
N SER A 14 -1.23 -3.42 4.19
CA SER A 14 -1.60 -2.06 4.71
C SER A 14 -0.74 -1.00 4.03
N LEU A 15 0.50 -1.33 3.77
CA LEU A 15 1.42 -0.37 3.09
C LEU A 15 0.90 -0.10 1.66
N LEU A 16 0.47 -1.15 0.98
CA LEU A 16 -0.07 -0.97 -0.41
C LEU A 16 -1.36 -0.14 -0.37
N LEU A 17 -2.16 -0.35 0.64
CA LEU A 17 -3.43 0.44 0.77
C LEU A 17 -3.08 1.92 0.96
N LEU A 18 -2.02 2.18 1.66
CA LEU A 18 -1.58 3.59 1.87
C LEU A 18 -1.08 4.18 0.55
N ALA A 19 -0.42 3.39 -0.25
CA ALA A 19 0.08 3.87 -1.57
C ALA A 19 -1.11 4.28 -2.46
N ALA A 20 -2.18 3.51 -2.42
CA ALA A 20 -3.38 3.85 -3.24
C ALA A 20 -4.00 5.15 -2.75
N GLY A 21 -4.04 5.34 -1.44
CA GLY A 21 -4.62 6.60 -0.89
C GLY A 21 -3.78 7.80 -1.33
N VAL A 22 -2.47 7.65 -1.36
CA VAL A 22 -1.59 8.77 -1.79
C VAL A 22 -1.87 9.10 -3.27
N GLY A 23 -2.13 8.10 -4.08
CA GLY A 23 -2.43 8.35 -5.52
C GLY A 23 -3.65 9.28 -5.64
N ILE A 24 -4.70 8.99 -4.89
CA ILE A 24 -5.92 9.86 -4.94
C ILE A 24 -5.67 11.16 -4.14
N TYR A 25 -4.81 11.11 -3.15
CA TYR A 25 -4.53 12.35 -2.36
C TYR A 25 -3.94 13.42 -3.28
N LEU A 26 -3.34 13.03 -4.38
CA LEU A 26 -2.78 14.02 -5.33
C LEU A 26 -3.92 14.60 -6.20
N LEU A 27 -5.00 13.87 -6.34
CA LEU A 27 -6.16 14.35 -7.15
C LEU A 27 -7.49 14.16 -6.39
N PRO A 28 -7.55 14.68 -5.18
CA PRO A 28 -8.79 14.55 -4.36
C PRO A 28 -9.73 15.73 -4.62
N ASN A 29 -9.22 16.84 -5.11
CA ASN A 29 -10.10 18.02 -5.40
C ASN A 29 -10.94 17.78 -6.66
N ARG A 30 -10.42 17.03 -7.60
CA ARG A 30 -11.16 16.74 -8.87
C ARG A 30 -11.58 18.04 -9.58
N HIS A 1 14.62 -20.73 7.45
CA HIS A 1 13.17 -21.07 7.22
C HIS A 1 12.96 -21.51 5.76
N SER A 2 11.94 -22.30 5.51
CA SER A 2 11.67 -22.76 4.12
C SER A 2 10.22 -22.43 3.71
N VAL A 3 9.65 -21.39 4.28
CA VAL A 3 8.24 -21.01 3.92
C VAL A 3 8.17 -19.54 3.48
N SER A 4 9.29 -18.96 3.10
CA SER A 4 9.29 -17.52 2.67
C SER A 4 8.88 -17.42 1.19
N HIS A 5 9.09 -18.46 0.43
CA HIS A 5 8.71 -18.43 -1.02
C HIS A 5 7.18 -18.35 -1.19
N ALA A 6 6.45 -18.74 -0.18
CA ALA A 6 4.96 -18.69 -0.26
C ALA A 6 4.44 -17.40 0.38
N ARG A 7 5.06 -16.29 0.06
CA ARG A 7 4.62 -14.98 0.65
C ARG A 7 4.23 -14.00 -0.47
N PRO A 8 3.04 -14.15 -0.98
CA PRO A 8 2.54 -13.26 -2.06
C PRO A 8 2.24 -11.87 -1.50
N ARG A 9 3.20 -10.97 -1.57
CA ARG A 9 3.00 -9.58 -1.03
C ARG A 9 2.61 -9.64 0.46
N TRP A 10 3.11 -10.60 1.18
CA TRP A 10 2.78 -10.73 2.63
C TRP A 10 3.36 -9.55 3.42
N PHE A 11 2.60 -9.04 4.38
CA PHE A 11 3.08 -7.87 5.20
C PHE A 11 3.18 -6.59 4.34
N TRP A 12 2.70 -6.62 3.11
CA TRP A 12 2.78 -5.40 2.26
C TRP A 12 1.38 -4.95 1.82
N PHE A 13 0.35 -5.62 2.27
CA PHE A 13 -1.04 -5.22 1.88
C PHE A 13 -1.39 -3.90 2.55
N SER A 14 -1.06 -3.76 3.81
CA SER A 14 -1.35 -2.48 4.53
C SER A 14 -0.54 -1.36 3.88
N LEU A 15 0.64 -1.66 3.42
CA LEU A 15 1.49 -0.64 2.74
C LEU A 15 0.79 -0.19 1.46
N LEU A 16 0.25 -1.12 0.71
CA LEU A 16 -0.46 -0.76 -0.56
C LEU A 16 -1.67 0.13 -0.24
N LEU A 17 -2.35 -0.17 0.84
CA LEU A 17 -3.54 0.66 1.24
C LEU A 17 -3.08 2.10 1.51
N LEU A 18 -1.91 2.23 2.10
CA LEU A 18 -1.37 3.58 2.39
C LEU A 18 -0.97 4.27 1.08
N ALA A 19 -0.43 3.52 0.16
CA ALA A 19 -0.02 4.11 -1.17
C ALA A 19 -1.27 4.57 -1.93
N ALA A 20 -2.35 3.82 -1.85
CA ALA A 20 -3.60 4.21 -2.56
C ALA A 20 -4.12 5.55 -2.01
N GLY A 21 -4.09 5.73 -0.71
CA GLY A 21 -4.56 7.02 -0.10
C GLY A 21 -3.69 8.17 -0.62
N VAL A 22 -2.40 7.95 -0.74
CA VAL A 22 -1.49 9.02 -1.24
C VAL A 22 -1.86 9.38 -2.69
N GLY A 23 -2.16 8.40 -3.50
CA GLY A 23 -2.54 8.68 -4.92
C GLY A 23 -3.84 9.50 -4.96
N ILE A 24 -4.80 9.18 -4.13
CA ILE A 24 -6.08 9.94 -4.12
C ILE A 24 -5.81 11.37 -3.63
N TYR A 25 -4.91 11.56 -2.69
CA TYR A 25 -4.60 12.94 -2.22
C TYR A 25 -3.98 13.76 -3.36
N LEU A 26 -3.33 13.10 -4.29
CA LEU A 26 -2.73 13.82 -5.45
C LEU A 26 -3.83 14.11 -6.48
N LEU A 27 -4.88 13.34 -6.48
CA LEU A 27 -6.01 13.56 -7.43
C LEU A 27 -7.38 13.54 -6.71
N PRO A 28 -7.51 14.35 -5.68
CA PRO A 28 -8.78 14.41 -4.92
C PRO A 28 -9.71 15.49 -5.49
N ASN A 29 -9.19 16.43 -6.23
CA ASN A 29 -10.04 17.51 -6.81
C ASN A 29 -10.52 17.14 -8.23
N ARG A 30 -10.27 15.94 -8.68
CA ARG A 30 -10.73 15.54 -10.05
C ARG A 30 -11.84 14.49 -9.96
N HIS A 1 1.06 -17.48 -9.74
CA HIS A 1 2.48 -17.68 -10.14
C HIS A 1 3.32 -16.47 -9.72
N SER A 2 4.59 -16.68 -9.40
CA SER A 2 5.47 -15.55 -8.97
C SER A 2 6.93 -15.84 -9.34
N VAL A 3 7.17 -16.21 -10.59
CA VAL A 3 8.55 -16.53 -11.09
C VAL A 3 9.42 -17.21 -10.01
N SER A 4 8.84 -18.14 -9.28
CA SER A 4 9.60 -18.89 -8.20
C SER A 4 9.84 -18.02 -6.95
N HIS A 5 9.98 -16.73 -7.10
CA HIS A 5 10.22 -15.84 -5.92
C HIS A 5 10.01 -14.38 -6.32
N ALA A 6 8.78 -13.94 -6.33
CA ALA A 6 8.48 -12.51 -6.69
C ALA A 6 8.16 -11.69 -5.43
N ARG A 7 8.84 -11.96 -4.34
CA ARG A 7 8.61 -11.20 -3.07
C ARG A 7 7.22 -11.52 -2.47
N PRO A 8 7.20 -11.81 -1.20
CA PRO A 8 5.92 -12.14 -0.50
C PRO A 8 5.06 -10.87 -0.32
N ARG A 9 4.05 -10.71 -1.13
CA ARG A 9 3.16 -9.51 -1.02
C ARG A 9 2.39 -9.53 0.31
N TRP A 10 2.20 -10.70 0.89
CA TRP A 10 1.44 -10.78 2.19
C TRP A 10 2.06 -9.85 3.22
N PHE A 11 1.27 -9.37 4.17
CA PHE A 11 1.77 -8.42 5.22
C PHE A 11 1.91 -7.00 4.66
N TRP A 12 2.43 -6.86 3.45
CA TRP A 12 2.59 -5.50 2.84
C TRP A 12 1.25 -4.96 2.32
N PHE A 13 0.16 -5.65 2.56
CA PHE A 13 -1.17 -5.16 2.07
C PHE A 13 -1.49 -3.81 2.72
N SER A 14 -1.18 -3.66 3.98
CA SER A 14 -1.44 -2.37 4.68
C SER A 14 -0.61 -1.26 4.03
N LEU A 15 0.57 -1.60 3.59
CA LEU A 15 1.45 -0.60 2.92
C LEU A 15 0.85 -0.20 1.56
N LEU A 16 0.33 -1.16 0.83
CA LEU A 16 -0.30 -0.86 -0.49
C LEU A 16 -1.53 0.04 -0.30
N LEU A 17 -2.28 -0.22 0.73
CA LEU A 17 -3.49 0.63 1.02
C LEU A 17 -3.06 2.08 1.27
N LEU A 18 -1.91 2.23 1.87
CA LEU A 18 -1.38 3.61 2.16
C LEU A 18 -0.95 4.27 0.84
N ALA A 19 -0.37 3.50 -0.04
CA ALA A 19 0.07 4.07 -1.36
C ALA A 19 -1.15 4.53 -2.17
N ALA A 20 -2.22 3.77 -2.11
CA ALA A 20 -3.46 4.17 -2.86
C ALA A 20 -4.00 5.49 -2.32
N GLY A 21 -3.95 5.68 -1.02
CA GLY A 21 -4.45 6.96 -0.42
C GLY A 21 -3.57 8.12 -0.89
N VAL A 22 -2.28 7.90 -1.02
CA VAL A 22 -1.36 8.98 -1.49
C VAL A 22 -1.74 9.40 -2.92
N GLY A 23 -2.04 8.43 -3.77
CA GLY A 23 -2.43 8.76 -5.17
C GLY A 23 -3.74 9.58 -5.16
N ILE A 24 -4.69 9.19 -4.35
CA ILE A 24 -5.98 9.94 -4.29
C ILE A 24 -5.74 11.33 -3.72
N TYR A 25 -4.84 11.48 -2.77
CA TYR A 25 -4.56 12.83 -2.20
C TYR A 25 -3.98 13.74 -3.29
N LEU A 26 -3.33 13.17 -4.27
CA LEU A 26 -2.76 14.00 -5.38
C LEU A 26 -3.88 14.30 -6.39
N LEU A 27 -4.92 13.49 -6.40
CA LEU A 27 -6.05 13.71 -7.34
C LEU A 27 -7.41 13.62 -6.61
N PRO A 28 -7.57 14.36 -5.52
CA PRO A 28 -8.82 14.33 -4.75
C PRO A 28 -9.79 15.44 -5.21
N ASN A 29 -9.30 16.43 -5.91
CA ASN A 29 -10.18 17.55 -6.38
C ASN A 29 -11.16 17.05 -7.46
N ARG A 30 -10.73 16.15 -8.31
CA ARG A 30 -11.63 15.63 -9.38
C ARG A 30 -11.69 14.10 -9.31
N HIS A 1 4.65 -15.60 8.94
CA HIS A 1 4.75 -14.30 9.68
C HIS A 1 6.22 -13.96 10.00
N SER A 2 7.16 -14.51 9.27
CA SER A 2 8.61 -14.21 9.53
C SER A 2 9.21 -13.41 8.37
N VAL A 3 8.50 -12.40 7.90
CA VAL A 3 9.00 -11.56 6.76
C VAL A 3 9.25 -12.44 5.50
N SER A 4 8.69 -13.62 5.45
CA SER A 4 8.88 -14.50 4.26
C SER A 4 7.58 -14.58 3.43
N HIS A 5 6.47 -14.20 4.02
CA HIS A 5 5.17 -14.24 3.28
C HIS A 5 4.79 -12.82 2.83
N ALA A 6 5.74 -12.04 2.39
CA ALA A 6 5.43 -10.65 1.93
C ALA A 6 5.47 -10.54 0.40
N ARG A 7 5.72 -11.64 -0.29
CA ARG A 7 5.74 -11.60 -1.79
C ARG A 7 4.38 -11.17 -2.34
N PRO A 8 3.32 -11.82 -1.87
CA PRO A 8 1.96 -11.47 -2.34
C PRO A 8 1.49 -10.17 -1.69
N ARG A 9 0.27 -9.78 -1.92
CA ARG A 9 -0.26 -8.52 -1.30
C ARG A 9 -0.85 -8.78 0.10
N TRP A 10 -0.47 -9.85 0.74
CA TRP A 10 -1.00 -10.15 2.11
C TRP A 10 -0.42 -9.17 3.12
N PHE A 11 0.86 -9.25 3.39
CA PHE A 11 1.51 -8.32 4.37
C PHE A 11 1.68 -6.94 3.74
N TRP A 12 1.80 -6.88 2.43
CA TRP A 12 1.98 -5.58 1.73
C TRP A 12 0.64 -4.83 1.57
N PHE A 13 -0.45 -5.45 1.93
CA PHE A 13 -1.79 -4.78 1.81
C PHE A 13 -1.77 -3.42 2.53
N SER A 14 -1.35 -3.41 3.76
CA SER A 14 -1.29 -2.14 4.54
C SER A 14 -0.38 -1.13 3.83
N LEU A 15 0.67 -1.62 3.23
CA LEU A 15 1.61 -0.72 2.48
C LEU A 15 0.91 -0.20 1.22
N LEU A 16 0.25 -1.07 0.50
CA LEU A 16 -0.48 -0.62 -0.74
C LEU A 16 -1.64 0.30 -0.35
N LEU A 17 -2.27 0.03 0.76
CA LEU A 17 -3.39 0.91 1.23
C LEU A 17 -2.84 2.30 1.52
N LEU A 18 -1.65 2.36 2.05
CA LEU A 18 -1.01 3.68 2.36
C LEU A 18 -0.68 4.40 1.04
N ALA A 19 -0.25 3.66 0.06
CA ALA A 19 0.09 4.27 -1.26
C ALA A 19 -1.18 4.78 -1.94
N ALA A 20 -2.28 4.08 -1.77
CA ALA A 20 -3.57 4.53 -2.40
C ALA A 20 -4.04 5.84 -1.77
N GLY A 21 -3.90 5.98 -0.47
CA GLY A 21 -4.33 7.23 0.21
C GLY A 21 -3.48 8.40 -0.29
N VAL A 22 -2.18 8.23 -0.35
CA VAL A 22 -1.29 9.32 -0.84
C VAL A 22 -1.56 9.57 -2.33
N GLY A 23 -1.77 8.53 -3.10
CA GLY A 23 -2.05 8.71 -4.56
C GLY A 23 -3.38 9.44 -4.73
N ILE A 24 -4.40 9.02 -4.03
CA ILE A 24 -5.73 9.71 -4.16
C ILE A 24 -5.62 11.16 -3.66
N TYR A 25 -4.79 11.41 -2.65
CA TYR A 25 -4.65 12.82 -2.16
C TYR A 25 -4.06 13.70 -3.27
N LEU A 26 -3.31 13.12 -4.17
CA LEU A 26 -2.73 13.90 -5.30
C LEU A 26 -3.82 14.10 -6.37
N LEU A 27 -4.79 13.21 -6.42
CA LEU A 27 -5.89 13.33 -7.42
C LEU A 27 -7.26 13.13 -6.74
N PRO A 28 -7.55 13.93 -5.74
CA PRO A 28 -8.84 13.82 -5.01
C PRO A 28 -9.90 14.75 -5.61
N ASN A 29 -9.50 15.76 -6.34
CA ASN A 29 -10.49 16.70 -6.95
C ASN A 29 -11.14 16.08 -8.20
N ARG A 30 -10.37 15.36 -8.98
CA ARG A 30 -10.93 14.72 -10.21
C ARG A 30 -10.20 13.39 -10.52
N HIS A 1 8.48 -10.36 21.70
CA HIS A 1 8.61 -9.94 20.27
C HIS A 1 7.27 -10.10 19.54
N SER A 2 6.72 -9.03 19.02
CA SER A 2 5.40 -9.11 18.31
C SER A 2 5.41 -8.20 17.07
N VAL A 3 6.38 -8.36 16.21
CA VAL A 3 6.46 -7.52 14.97
C VAL A 3 6.37 -6.03 15.31
N SER A 4 7.26 -5.54 16.13
CA SER A 4 7.24 -4.08 16.50
C SER A 4 7.92 -3.22 15.42
N HIS A 5 8.67 -3.83 14.54
CA HIS A 5 9.35 -3.05 13.46
C HIS A 5 8.63 -3.25 12.12
N ALA A 6 7.39 -3.69 12.14
CA ALA A 6 6.63 -3.90 10.87
C ALA A 6 5.13 -4.03 11.18
N ARG A 7 4.55 -3.00 11.75
CA ARG A 7 3.08 -3.04 12.10
C ARG A 7 2.22 -3.28 10.85
N PRO A 8 2.41 -2.46 9.83
CA PRO A 8 1.60 -2.61 8.59
C PRO A 8 2.03 -3.88 7.83
N ARG A 9 2.97 -3.78 6.90
CA ARG A 9 3.45 -4.96 6.12
C ARG A 9 2.32 -6.01 5.91
N TRP A 10 2.35 -7.13 6.61
CA TRP A 10 1.30 -8.18 6.40
C TRP A 10 1.21 -8.41 4.90
N PHE A 11 2.27 -8.96 4.32
CA PHE A 11 2.32 -9.14 2.83
C PHE A 11 2.25 -7.74 2.21
N TRP A 12 2.79 -6.76 2.92
CA TRP A 12 2.76 -5.33 2.44
C TRP A 12 1.36 -4.95 1.94
N PHE A 13 0.34 -5.48 2.59
CA PHE A 13 -1.06 -5.16 2.20
C PHE A 13 -1.44 -3.80 2.77
N SER A 14 -1.24 -3.63 4.05
CA SER A 14 -1.58 -2.33 4.70
C SER A 14 -0.73 -1.22 4.06
N LEU A 15 0.47 -1.56 3.65
CA LEU A 15 1.36 -0.58 3.00
C LEU A 15 0.79 -0.20 1.63
N LEU A 16 0.27 -1.16 0.90
CA LEU A 16 -0.34 -0.87 -0.44
C LEU A 16 -1.57 0.02 -0.28
N LEU A 17 -2.36 -0.25 0.74
CA LEU A 17 -3.57 0.59 0.99
C LEU A 17 -3.15 2.04 1.27
N LEU A 18 -2.03 2.20 1.93
CA LEU A 18 -1.52 3.56 2.24
C LEU A 18 -1.05 4.23 0.95
N ALA A 19 -0.44 3.49 0.07
CA ALA A 19 0.03 4.05 -1.22
C ALA A 19 -1.17 4.51 -2.06
N ALA A 20 -2.25 3.76 -2.01
CA ALA A 20 -3.47 4.15 -2.78
C ALA A 20 -4.02 5.48 -2.26
N GLY A 21 -4.00 5.68 -0.96
CA GLY A 21 -4.50 6.96 -0.38
C GLY A 21 -3.61 8.11 -0.84
N VAL A 22 -2.32 7.88 -0.94
CA VAL A 22 -1.39 8.96 -1.40
C VAL A 22 -1.73 9.37 -2.84
N GLY A 23 -2.02 8.39 -3.69
CA GLY A 23 -2.38 8.72 -5.11
C GLY A 23 -3.67 9.52 -5.14
N ILE A 24 -4.63 9.16 -4.33
CA ILE A 24 -5.92 9.92 -4.30
C ILE A 24 -5.69 11.33 -3.76
N TYR A 25 -4.77 11.49 -2.82
CA TYR A 25 -4.48 12.86 -2.28
C TYR A 25 -3.92 13.73 -3.39
N LEU A 26 -3.30 13.14 -4.38
CA LEU A 26 -2.76 13.94 -5.52
C LEU A 26 -3.91 14.28 -6.49
N LEU A 27 -4.95 13.47 -6.49
CA LEU A 27 -6.12 13.74 -7.39
C LEU A 27 -7.45 13.65 -6.61
N PRO A 28 -7.55 14.38 -5.52
CA PRO A 28 -8.79 14.37 -4.71
C PRO A 28 -9.78 15.44 -5.18
N ASN A 29 -9.30 16.45 -5.87
CA ASN A 29 -10.21 17.53 -6.36
C ASN A 29 -10.87 17.10 -7.68
N ARG A 30 -10.13 16.40 -8.52
CA ARG A 30 -10.69 15.94 -9.84
C ARG A 30 -11.17 17.14 -10.69
N HIS A 1 18.71 -7.82 -4.31
CA HIS A 1 17.39 -8.20 -4.91
C HIS A 1 17.25 -7.59 -6.32
N SER A 2 16.82 -8.36 -7.27
CA SER A 2 16.64 -7.85 -8.66
C SER A 2 15.18 -7.96 -9.11
N VAL A 3 14.25 -7.69 -8.21
CA VAL A 3 12.80 -7.76 -8.56
C VAL A 3 12.46 -9.13 -9.19
N SER A 4 12.82 -10.20 -8.52
CA SER A 4 12.52 -11.56 -9.06
C SER A 4 11.16 -12.05 -8.57
N HIS A 5 10.84 -11.77 -7.33
CA HIS A 5 9.52 -12.20 -6.76
C HIS A 5 8.53 -11.02 -6.79
N ALA A 6 8.93 -9.88 -7.32
CA ALA A 6 8.01 -8.69 -7.38
C ALA A 6 7.34 -8.44 -6.02
N ARG A 7 8.13 -8.41 -4.97
CA ARG A 7 7.58 -8.17 -3.58
C ARG A 7 6.74 -9.38 -3.12
N PRO A 8 7.14 -9.96 -2.01
CA PRO A 8 6.41 -11.14 -1.47
C PRO A 8 5.07 -10.71 -0.83
N ARG A 9 4.96 -10.68 0.48
CA ARG A 9 3.68 -10.27 1.14
C ARG A 9 3.89 -10.18 2.66
N TRP A 10 2.81 -10.17 3.42
CA TRP A 10 2.91 -10.07 4.92
C TRP A 10 3.48 -8.71 5.34
N PHE A 11 2.78 -7.99 6.19
CA PHE A 11 3.25 -6.63 6.64
C PHE A 11 3.43 -5.69 5.45
N TRP A 12 2.86 -6.01 4.31
CA TRP A 12 3.00 -5.14 3.10
C TRP A 12 1.62 -4.71 2.57
N PHE A 13 0.59 -5.45 2.90
CA PHE A 13 -0.78 -5.08 2.40
C PHE A 13 -1.17 -3.71 2.95
N SER A 14 -0.85 -3.44 4.19
CA SER A 14 -1.17 -2.11 4.78
C SER A 14 -0.45 -1.01 4.00
N LEU A 15 0.74 -1.30 3.56
CA LEU A 15 1.52 -0.30 2.76
C LEU A 15 0.82 -0.07 1.42
N LEU A 16 0.36 -1.14 0.79
CA LEU A 16 -0.35 -1.01 -0.51
C LEU A 16 -1.64 -0.19 -0.33
N LEU A 17 -2.34 -0.44 0.75
CA LEU A 17 -3.59 0.32 1.03
C LEU A 17 -3.27 1.81 1.16
N LEU A 18 -2.13 2.11 1.73
CA LEU A 18 -1.71 3.54 1.87
C LEU A 18 -1.30 4.10 0.52
N ALA A 19 -0.72 3.28 -0.31
CA ALA A 19 -0.28 3.75 -1.67
C ALA A 19 -1.50 4.23 -2.46
N ALA A 20 -2.60 3.51 -2.40
CA ALA A 20 -3.82 3.94 -3.14
C ALA A 20 -4.33 5.28 -2.58
N GLY A 21 -4.28 5.45 -1.28
CA GLY A 21 -4.74 6.72 -0.66
C GLY A 21 -3.82 7.87 -1.09
N VAL A 22 -2.53 7.62 -1.15
CA VAL A 22 -1.56 8.69 -1.56
C VAL A 22 -1.89 9.16 -2.99
N GLY A 23 -2.17 8.24 -3.89
CA GLY A 23 -2.50 8.64 -5.29
C GLY A 23 -3.78 9.49 -5.30
N ILE A 24 -4.78 9.08 -4.55
CA ILE A 24 -6.05 9.87 -4.50
C ILE A 24 -5.80 11.23 -3.85
N TYR A 25 -4.94 11.28 -2.84
CA TYR A 25 -4.65 12.59 -2.18
C TYR A 25 -4.00 13.56 -3.19
N LEU A 26 -3.35 13.03 -4.20
CA LEU A 26 -2.73 13.91 -5.23
C LEU A 26 -3.81 14.33 -6.24
N LEU A 27 -4.87 13.56 -6.34
CA LEU A 27 -5.97 13.89 -7.31
C LEU A 27 -7.35 13.79 -6.61
N PRO A 28 -7.50 14.45 -5.48
CA PRO A 28 -8.78 14.43 -4.74
C PRO A 28 -9.69 15.58 -5.18
N ASN A 29 -9.16 16.76 -5.28
CA ASN A 29 -9.98 17.94 -5.70
C ASN A 29 -9.60 18.36 -7.13
N ARG A 30 -8.34 18.29 -7.46
CA ARG A 30 -7.90 18.68 -8.84
C ARG A 30 -6.84 17.69 -9.35
N HIS A 1 3.53 -11.84 -14.53
CA HIS A 1 3.74 -11.79 -13.06
C HIS A 1 3.88 -10.32 -12.60
N SER A 2 3.12 -9.94 -11.61
CA SER A 2 3.19 -8.53 -11.10
C SER A 2 3.81 -8.48 -9.70
N VAL A 3 4.79 -9.31 -9.44
CA VAL A 3 5.46 -9.33 -8.10
C VAL A 3 4.42 -9.49 -6.96
N SER A 4 3.41 -10.32 -7.17
CA SER A 4 2.38 -10.52 -6.12
C SER A 4 2.57 -11.86 -5.40
N HIS A 5 3.35 -12.73 -5.96
CA HIS A 5 3.59 -14.06 -5.32
C HIS A 5 5.04 -14.17 -4.82
N ALA A 6 5.57 -13.10 -4.29
CA ALA A 6 6.98 -13.13 -3.78
C ALA A 6 6.98 -13.09 -2.24
N ARG A 7 6.09 -13.84 -1.63
CA ARG A 7 6.01 -13.86 -0.12
C ARG A 7 5.71 -12.46 0.42
N PRO A 8 4.43 -12.13 0.45
CA PRO A 8 4.00 -10.80 0.96
C PRO A 8 4.10 -10.76 2.50
N ARG A 9 3.57 -9.72 3.11
CA ARG A 9 3.65 -9.62 4.60
C ARG A 9 2.33 -9.06 5.16
N TRP A 10 2.14 -9.14 6.45
CA TRP A 10 0.88 -8.61 7.07
C TRP A 10 0.78 -7.10 6.83
N PHE A 11 1.75 -6.35 7.30
CA PHE A 11 1.72 -4.86 7.06
C PHE A 11 1.95 -4.56 5.58
N TRP A 12 2.48 -5.51 4.84
CA TRP A 12 2.72 -5.30 3.37
C TRP A 12 1.42 -4.87 2.68
N PHE A 13 0.34 -5.52 3.00
CA PHE A 13 -0.97 -5.15 2.39
C PHE A 13 -1.36 -3.76 2.86
N SER A 14 -1.04 -3.43 4.08
CA SER A 14 -1.35 -2.06 4.61
C SER A 14 -0.51 -1.03 3.85
N LEU A 15 0.69 -1.40 3.49
CA LEU A 15 1.56 -0.45 2.72
C LEU A 15 0.94 -0.19 1.35
N LEU A 16 0.42 -1.22 0.72
CA LEU A 16 -0.24 -1.04 -0.61
C LEU A 16 -1.51 -0.21 -0.47
N LEU A 17 -2.25 -0.42 0.59
CA LEU A 17 -3.50 0.36 0.83
C LEU A 17 -3.13 1.84 1.03
N LEU A 18 -1.99 2.08 1.62
CA LEU A 18 -1.54 3.49 1.84
C LEU A 18 -1.11 4.10 0.50
N ALA A 19 -0.49 3.31 -0.34
CA ALA A 19 -0.05 3.83 -1.68
C ALA A 19 -1.27 4.32 -2.48
N ALA A 20 -2.36 3.57 -2.42
CA ALA A 20 -3.59 4.00 -3.16
C ALA A 20 -4.14 5.29 -2.55
N GLY A 21 -4.13 5.40 -1.24
CA GLY A 21 -4.64 6.63 -0.58
C GLY A 21 -3.78 7.84 -1.02
N VAL A 22 -2.49 7.66 -1.11
CA VAL A 22 -1.60 8.79 -1.54
C VAL A 22 -1.95 9.20 -2.98
N GLY A 23 -2.24 8.24 -3.84
CA GLY A 23 -2.60 8.57 -5.25
C GLY A 23 -3.86 9.45 -5.26
N ILE A 24 -4.83 9.13 -4.44
CA ILE A 24 -6.07 9.95 -4.38
C ILE A 24 -5.76 11.32 -3.76
N TYR A 25 -4.85 11.38 -2.81
CA TYR A 25 -4.49 12.69 -2.20
C TYR A 25 -3.87 13.60 -3.27
N LEU A 26 -3.27 13.02 -4.27
CA LEU A 26 -2.67 13.84 -5.37
C LEU A 26 -3.78 14.30 -6.33
N LEU A 27 -4.92 13.63 -6.29
CA LEU A 27 -6.06 14.01 -7.18
C LEU A 27 -7.40 13.91 -6.41
N PRO A 28 -7.50 14.59 -5.29
CA PRO A 28 -8.73 14.55 -4.48
C PRO A 28 -9.70 15.68 -4.88
N ASN A 29 -9.21 16.73 -5.50
CA ASN A 29 -10.10 17.85 -5.92
C ASN A 29 -10.46 17.71 -7.41
N ARG A 30 -9.56 17.21 -8.21
CA ARG A 30 -9.86 17.05 -9.67
C ARG A 30 -10.35 15.63 -9.95
N HIS A 1 1.08 -27.43 8.24
CA HIS A 1 1.19 -25.97 7.97
C HIS A 1 2.67 -25.55 7.85
N SER A 2 2.94 -24.56 7.03
CA SER A 2 4.36 -24.10 6.86
C SER A 2 4.39 -22.75 6.13
N VAL A 3 4.12 -21.67 6.82
CA VAL A 3 4.14 -20.33 6.16
C VAL A 3 5.46 -19.61 6.50
N SER A 4 6.56 -20.32 6.40
CA SER A 4 7.89 -19.69 6.71
C SER A 4 8.41 -18.91 5.49
N HIS A 5 8.13 -19.41 4.32
CA HIS A 5 8.59 -18.72 3.08
C HIS A 5 7.41 -18.52 2.12
N ALA A 6 6.27 -18.16 2.64
CA ALA A 6 5.07 -17.95 1.77
C ALA A 6 4.42 -16.60 2.08
N ARG A 7 5.15 -15.52 1.90
CA ARG A 7 4.58 -14.17 2.18
C ARG A 7 4.61 -13.31 0.89
N PRO A 8 3.73 -13.64 -0.03
CA PRO A 8 3.65 -12.89 -1.32
C PRO A 8 2.96 -11.53 -1.11
N ARG A 9 3.67 -10.56 -0.59
CA ARG A 9 3.08 -9.20 -0.35
C ARG A 9 1.89 -9.29 0.62
N TRP A 10 1.90 -10.26 1.50
CA TRP A 10 0.77 -10.40 2.48
C TRP A 10 0.90 -9.36 3.60
N PHE A 11 2.11 -9.13 4.06
CA PHE A 11 2.33 -8.13 5.16
C PHE A 11 2.28 -6.70 4.58
N TRP A 12 2.66 -6.54 3.33
CA TRP A 12 2.64 -5.17 2.71
C TRP A 12 1.23 -4.76 2.26
N PHE A 13 0.22 -5.52 2.63
CA PHE A 13 -1.17 -5.15 2.22
C PHE A 13 -1.53 -3.78 2.81
N SER A 14 -1.21 -3.58 4.06
CA SER A 14 -1.50 -2.26 4.71
C SER A 14 -0.68 -1.18 4.02
N LEU A 15 0.51 -1.51 3.62
CA LEU A 15 1.39 -0.54 2.90
C LEU A 15 0.77 -0.19 1.54
N LEU A 16 0.24 -1.17 0.84
CA LEU A 16 -0.39 -0.91 -0.49
C LEU A 16 -1.63 -0.03 -0.30
N LEU A 17 -2.36 -0.25 0.76
CA LEU A 17 -3.57 0.58 1.04
C LEU A 17 -3.15 2.03 1.26
N LEU A 18 -2.01 2.22 1.86
CA LEU A 18 -1.49 3.60 2.10
C LEU A 18 -1.04 4.23 0.78
N ALA A 19 -0.44 3.43 -0.07
CA ALA A 19 0.01 3.96 -1.40
C ALA A 19 -1.19 4.44 -2.22
N ALA A 20 -2.28 3.71 -2.17
CA ALA A 20 -3.50 4.13 -2.93
C ALA A 20 -4.02 5.46 -2.39
N GLY A 21 -3.94 5.66 -1.09
CA GLY A 21 -4.43 6.94 -0.49
C GLY A 21 -3.52 8.08 -0.95
N VAL A 22 -2.23 7.86 -0.99
CA VAL A 22 -1.29 8.94 -1.45
C VAL A 22 -1.63 9.36 -2.89
N GLY A 23 -1.92 8.41 -3.75
CA GLY A 23 -2.27 8.74 -5.15
C GLY A 23 -3.57 9.55 -5.18
N ILE A 24 -4.55 9.14 -4.42
CA ILE A 24 -5.85 9.88 -4.38
C ILE A 24 -5.63 11.28 -3.79
N TYR A 25 -4.73 11.42 -2.85
CA TYR A 25 -4.47 12.78 -2.26
C TYR A 25 -3.91 13.71 -3.35
N LEU A 26 -3.26 13.14 -4.35
CA LEU A 26 -2.73 13.99 -5.46
C LEU A 26 -3.87 14.32 -6.43
N LEU A 27 -4.97 13.58 -6.37
CA LEU A 27 -6.12 13.84 -7.27
C LEU A 27 -7.45 13.64 -6.51
N PRO A 28 -7.60 14.33 -5.40
CA PRO A 28 -8.84 14.22 -4.59
C PRO A 28 -9.88 15.27 -5.02
N ASN A 29 -9.46 16.32 -5.67
CA ASN A 29 -10.43 17.38 -6.11
C ASN A 29 -10.69 17.28 -7.62
N ARG A 30 -10.15 16.27 -8.28
CA ARG A 30 -10.37 16.12 -9.75
C ARG A 30 -10.44 14.64 -10.14
N HIS A 1 -11.86 -14.23 -5.04
CA HIS A 1 -12.04 -13.23 -3.95
C HIS A 1 -11.79 -13.88 -2.58
N SER A 2 -12.33 -13.31 -1.52
CA SER A 2 -12.12 -13.88 -0.14
C SER A 2 -10.63 -14.01 0.18
N VAL A 3 -9.83 -13.02 -0.19
CA VAL A 3 -8.36 -13.06 0.10
C VAL A 3 -7.74 -14.38 -0.42
N SER A 4 -8.09 -14.78 -1.62
CA SER A 4 -7.52 -16.05 -2.19
C SER A 4 -6.13 -15.81 -2.78
N HIS A 5 -5.81 -14.59 -3.12
CA HIS A 5 -4.48 -14.29 -3.71
C HIS A 5 -3.78 -13.18 -2.91
N ALA A 6 -3.60 -13.40 -1.64
CA ALA A 6 -2.93 -12.37 -0.78
C ALA A 6 -1.44 -12.71 -0.57
N ARG A 7 -0.86 -13.52 -1.44
CA ARG A 7 0.59 -13.89 -1.28
C ARG A 7 1.47 -12.63 -1.31
N PRO A 8 1.30 -11.80 -2.32
CA PRO A 8 2.11 -10.56 -2.44
C PRO A 8 1.62 -9.50 -1.43
N ARG A 9 0.45 -9.69 -0.86
CA ARG A 9 -0.07 -8.69 0.13
C ARG A 9 0.40 -9.07 1.55
N TRP A 10 -0.46 -9.64 2.37
CA TRP A 10 -0.08 -10.04 3.76
C TRP A 10 0.46 -8.83 4.56
N PHE A 11 1.71 -8.49 4.40
CA PHE A 11 2.29 -7.32 5.14
C PHE A 11 2.28 -6.08 4.24
N TRP A 12 2.48 -6.28 2.96
CA TRP A 12 2.46 -5.11 2.01
C TRP A 12 1.02 -4.63 1.78
N PHE A 13 0.04 -5.38 2.20
CA PHE A 13 -1.38 -4.96 2.01
C PHE A 13 -1.63 -3.62 2.70
N SER A 14 -1.27 -3.51 3.95
CA SER A 14 -1.46 -2.22 4.69
C SER A 14 -0.60 -1.15 4.02
N LEU A 15 0.58 -1.52 3.59
CA LEU A 15 1.48 -0.56 2.89
C LEU A 15 0.85 -0.16 1.55
N LEU A 16 0.28 -1.12 0.86
CA LEU A 16 -0.37 -0.83 -0.46
C LEU A 16 -1.59 0.07 -0.23
N LEU A 17 -2.31 -0.17 0.83
CA LEU A 17 -3.50 0.67 1.15
C LEU A 17 -3.04 2.12 1.37
N LEU A 18 -1.91 2.28 2.00
CA LEU A 18 -1.35 3.64 2.24
C LEU A 18 -0.94 4.28 0.91
N ALA A 19 -0.40 3.47 0.03
CA ALA A 19 0.02 3.99 -1.32
C ALA A 19 -1.20 4.45 -2.10
N ALA A 20 -2.30 3.74 -1.99
CA ALA A 20 -3.56 4.14 -2.72
C ALA A 20 -4.06 5.50 -2.19
N GLY A 21 -3.96 5.71 -0.89
CA GLY A 21 -4.42 7.01 -0.31
C GLY A 21 -3.52 8.14 -0.80
N VAL A 22 -2.23 7.91 -0.87
CA VAL A 22 -1.29 8.98 -1.35
C VAL A 22 -1.64 9.36 -2.80
N GLY A 23 -1.94 8.39 -3.64
CA GLY A 23 -2.29 8.68 -5.05
C GLY A 23 -3.60 9.48 -5.09
N ILE A 24 -4.59 9.06 -4.35
CA ILE A 24 -5.90 9.79 -4.33
C ILE A 24 -5.70 11.20 -3.73
N TYR A 25 -4.82 11.33 -2.75
CA TYR A 25 -4.59 12.68 -2.17
C TYR A 25 -3.99 13.61 -3.24
N LEU A 26 -3.33 13.05 -4.21
CA LEU A 26 -2.76 13.89 -5.30
C LEU A 26 -3.88 14.25 -6.29
N LEU A 27 -4.90 13.41 -6.37
CA LEU A 27 -6.03 13.68 -7.30
C LEU A 27 -7.38 13.52 -6.57
N PRO A 28 -7.56 14.23 -5.47
CA PRO A 28 -8.82 14.15 -4.70
C PRO A 28 -9.83 15.17 -5.23
N ASN A 29 -9.37 16.22 -5.88
CA ASN A 29 -10.31 17.23 -6.44
C ASN A 29 -10.46 17.05 -7.96
N ARG A 30 -9.58 16.27 -8.57
CA ARG A 30 -9.65 16.02 -10.05
C ARG A 30 -9.52 17.35 -10.82
N HIS A 1 -12.04 -13.09 -1.51
CA HIS A 1 -11.02 -12.96 -2.60
C HIS A 1 -10.83 -14.32 -3.30
N SER A 2 -10.92 -14.34 -4.61
CA SER A 2 -10.75 -15.62 -5.36
C SER A 2 -9.39 -15.67 -6.05
N VAL A 3 -8.39 -14.97 -5.52
CA VAL A 3 -7.03 -14.98 -6.14
C VAL A 3 -7.11 -14.61 -7.64
N SER A 4 -7.64 -13.45 -7.94
CA SER A 4 -7.75 -13.02 -9.37
C SER A 4 -6.38 -12.57 -9.91
N HIS A 5 -5.51 -12.15 -9.03
CA HIS A 5 -4.15 -11.70 -9.46
C HIS A 5 -3.08 -12.59 -8.80
N ALA A 6 -3.38 -13.85 -8.58
CA ALA A 6 -2.40 -14.79 -7.94
C ALA A 6 -1.98 -14.29 -6.55
N ARG A 7 -2.87 -13.62 -5.85
CA ARG A 7 -2.54 -13.09 -4.49
C ARG A 7 -1.23 -12.28 -4.50
N PRO A 8 -1.31 -11.10 -5.09
CA PRO A 8 -0.11 -10.22 -5.18
C PRO A 8 0.13 -9.52 -3.83
N ARG A 9 1.19 -8.75 -3.74
CA ARG A 9 1.53 -7.99 -2.49
C ARG A 9 1.78 -8.96 -1.31
N TRP A 10 0.74 -9.50 -0.71
CA TRP A 10 0.90 -10.44 0.45
C TRP A 10 1.44 -9.70 1.67
N PHE A 11 2.67 -9.25 1.62
CA PHE A 11 3.26 -8.51 2.77
C PHE A 11 3.15 -6.99 2.55
N TRP A 12 2.94 -6.58 1.32
CA TRP A 12 2.83 -5.11 1.02
C TRP A 12 1.35 -4.67 0.99
N PHE A 13 0.45 -5.47 1.51
CA PHE A 13 -0.99 -5.08 1.51
C PHE A 13 -1.21 -3.83 2.37
N SER A 14 -0.62 -3.81 3.54
CA SER A 14 -0.75 -2.61 4.44
C SER A 14 -0.16 -1.39 3.74
N LEU A 15 0.92 -1.58 3.04
CA LEU A 15 1.57 -0.44 2.31
C LEU A 15 0.64 0.06 1.20
N LEU A 16 0.02 -0.85 0.49
CA LEU A 16 -0.93 -0.43 -0.59
C LEU A 16 -2.11 0.34 0.01
N LEU A 17 -2.53 -0.06 1.18
CA LEU A 17 -3.65 0.65 1.87
C LEU A 17 -3.23 2.09 2.18
N LEU A 18 -1.96 2.27 2.47
CA LEU A 18 -1.44 3.64 2.77
C LEU A 18 -1.18 4.38 1.45
N ALA A 19 -0.69 3.68 0.47
CA ALA A 19 -0.41 4.30 -0.85
C ALA A 19 -1.71 4.72 -1.54
N ALA A 20 -2.77 3.96 -1.36
CA ALA A 20 -4.08 4.31 -2.00
C ALA A 20 -4.57 5.67 -1.47
N GLY A 21 -4.43 5.91 -0.19
CA GLY A 21 -4.88 7.22 0.38
C GLY A 21 -3.99 8.35 -0.15
N VAL A 22 -2.70 8.16 -0.14
CA VAL A 22 -1.77 9.22 -0.66
C VAL A 22 -1.99 9.42 -2.16
N GLY A 23 -2.23 8.34 -2.88
CA GLY A 23 -2.47 8.46 -4.36
C GLY A 23 -3.71 9.32 -4.62
N ILE A 24 -4.79 9.06 -3.93
CA ILE A 24 -6.03 9.87 -4.13
C ILE A 24 -5.78 11.32 -3.70
N TYR A 25 -5.00 11.54 -2.67
CA TYR A 25 -4.71 12.95 -2.24
C TYR A 25 -3.94 13.68 -3.34
N LEU A 26 -3.18 12.96 -4.13
CA LEU A 26 -2.44 13.59 -5.25
C LEU A 26 -3.40 13.87 -6.40
N LEU A 27 -4.48 13.11 -6.47
CA LEU A 27 -5.49 13.30 -7.55
C LEU A 27 -6.92 13.29 -6.96
N PRO A 28 -7.17 14.17 -6.02
CA PRO A 28 -8.50 14.25 -5.38
C PRO A 28 -9.43 15.21 -6.13
N ASN A 29 -8.88 16.13 -6.88
CA ASN A 29 -9.73 17.09 -7.65
C ASN A 29 -10.50 16.35 -8.75
N ARG A 30 -9.90 15.33 -9.33
CA ARG A 30 -10.57 14.55 -10.43
C ARG A 30 -11.08 15.49 -11.53
N HIS A 1 21.82 -10.46 -0.86
CA HIS A 1 21.23 -9.13 -0.51
C HIS A 1 19.77 -9.05 -0.99
N SER A 2 18.88 -8.62 -0.14
CA SER A 2 17.45 -8.50 -0.55
C SER A 2 16.70 -7.52 0.38
N VAL A 3 17.14 -6.30 0.44
CA VAL A 3 16.46 -5.29 1.32
C VAL A 3 16.19 -3.99 0.54
N SER A 4 15.75 -4.11 -0.68
CA SER A 4 15.46 -2.90 -1.50
C SER A 4 13.98 -2.89 -1.95
N HIS A 5 13.67 -3.54 -3.04
CA HIS A 5 12.26 -3.58 -3.52
C HIS A 5 11.86 -5.02 -3.86
N ALA A 6 12.24 -5.96 -3.03
CA ALA A 6 11.89 -7.39 -3.30
C ALA A 6 11.00 -7.93 -2.17
N ARG A 7 9.89 -7.29 -1.92
CA ARG A 7 8.97 -7.76 -0.82
C ARG A 7 8.24 -9.04 -1.26
N PRO A 8 8.24 -10.01 -0.38
CA PRO A 8 7.55 -11.31 -0.66
C PRO A 8 6.06 -11.25 -0.25
N ARG A 9 5.44 -10.10 -0.36
CA ARG A 9 4.00 -9.97 0.02
C ARG A 9 3.78 -10.33 1.49
N TRP A 10 2.54 -10.31 1.94
CA TRP A 10 2.19 -10.63 3.36
C TRP A 10 2.71 -9.52 4.30
N PHE A 11 1.88 -9.09 5.22
CA PHE A 11 2.29 -8.00 6.18
C PHE A 11 2.55 -6.68 5.42
N TRP A 12 2.16 -6.61 4.16
CA TRP A 12 2.37 -5.35 3.38
C TRP A 12 1.05 -4.88 2.77
N PHE A 13 -0.06 -5.42 3.20
CA PHE A 13 -1.39 -4.99 2.65
C PHE A 13 -1.69 -3.56 3.10
N SER A 14 -1.40 -3.26 4.33
CA SER A 14 -1.64 -1.87 4.85
C SER A 14 -0.74 -0.89 4.10
N LEU A 15 0.43 -1.32 3.74
CA LEU A 15 1.37 -0.44 2.97
C LEU A 15 0.83 -0.21 1.56
N LEU A 16 0.31 -1.23 0.94
CA LEU A 16 -0.26 -1.07 -0.44
C LEU A 16 -1.49 -0.17 -0.40
N LEU A 17 -2.29 -0.31 0.62
CA LEU A 17 -3.51 0.54 0.77
C LEU A 17 -3.09 2.01 0.91
N LEU A 18 -1.95 2.24 1.50
CA LEU A 18 -1.45 3.63 1.65
C LEU A 18 -0.91 4.16 0.33
N ALA A 19 -0.31 3.30 -0.46
CA ALA A 19 0.22 3.72 -1.79
C ALA A 19 -0.92 4.29 -2.65
N ALA A 20 -2.03 3.61 -2.70
CA ALA A 20 -3.18 4.10 -3.51
C ALA A 20 -3.74 5.39 -2.89
N GLY A 21 -3.76 5.47 -1.57
CA GLY A 21 -4.28 6.70 -0.89
C GLY A 21 -3.40 7.90 -1.27
N VAL A 22 -2.11 7.70 -1.36
CA VAL A 22 -1.19 8.84 -1.74
C VAL A 22 -1.57 9.37 -3.13
N GLY A 23 -1.81 8.49 -4.07
CA GLY A 23 -2.20 8.93 -5.45
C GLY A 23 -3.52 9.69 -5.38
N ILE A 24 -4.47 9.20 -4.60
CA ILE A 24 -5.79 9.91 -4.48
C ILE A 24 -5.59 11.26 -3.80
N TYR A 25 -4.69 11.35 -2.84
CA TYR A 25 -4.45 12.65 -2.15
C TYR A 25 -3.96 13.69 -3.18
N LEU A 26 -3.29 13.24 -4.21
CA LEU A 26 -2.81 14.18 -5.27
C LEU A 26 -3.97 14.52 -6.21
N LEU A 27 -5.01 13.72 -6.20
CA LEU A 27 -6.19 13.98 -7.10
C LEU A 27 -7.52 13.72 -6.34
N PRO A 28 -7.66 14.32 -5.17
CA PRO A 28 -8.89 14.14 -4.36
C PRO A 28 -9.92 15.23 -4.67
N ASN A 29 -9.51 16.31 -5.28
CA ASN A 29 -10.46 17.42 -5.60
C ASN A 29 -11.45 17.00 -6.68
N ARG A 30 -11.00 16.24 -7.66
CA ARG A 30 -11.92 15.79 -8.74
C ARG A 30 -11.94 14.25 -8.81
N HIS A 1 21.70 -12.77 12.55
CA HIS A 1 20.50 -12.00 12.06
C HIS A 1 19.41 -12.98 11.59
N SER A 2 18.16 -12.61 11.77
CA SER A 2 17.05 -13.51 11.34
C SER A 2 16.22 -12.83 10.24
N VAL A 3 16.87 -12.37 9.19
CA VAL A 3 16.12 -11.69 8.08
C VAL A 3 16.14 -12.57 6.83
N SER A 4 15.78 -13.82 6.97
CA SER A 4 15.76 -14.74 5.78
C SER A 4 14.40 -14.69 5.08
N HIS A 5 13.35 -14.41 5.81
CA HIS A 5 12.00 -14.35 5.21
C HIS A 5 11.32 -13.02 5.59
N ALA A 6 12.05 -11.93 5.50
CA ALA A 6 11.45 -10.60 5.85
C ALA A 6 10.96 -9.88 4.57
N ARG A 7 10.32 -10.61 3.69
CA ARG A 7 9.82 -9.98 2.42
C ARG A 7 8.45 -9.32 2.67
N PRO A 8 8.15 -8.33 1.86
CA PRO A 8 6.85 -7.60 1.99
C PRO A 8 5.68 -8.48 1.51
N ARG A 9 5.08 -9.21 2.42
CA ARG A 9 3.94 -10.09 2.05
C ARG A 9 2.95 -10.20 3.22
N TRP A 10 1.71 -10.56 2.93
CA TRP A 10 0.66 -10.69 3.99
C TRP A 10 0.41 -9.34 4.68
N PHE A 11 1.27 -8.94 5.60
CA PHE A 11 1.09 -7.63 6.30
C PHE A 11 1.40 -6.45 5.37
N TRP A 12 1.93 -6.70 4.19
CA TRP A 12 2.26 -5.59 3.25
C TRP A 12 1.00 -5.00 2.60
N PHE A 13 -0.14 -5.61 2.80
CA PHE A 13 -1.41 -5.09 2.20
C PHE A 13 -1.70 -3.68 2.73
N SER A 14 -1.45 -3.47 4.00
CA SER A 14 -1.68 -2.12 4.61
C SER A 14 -0.76 -1.10 3.93
N LEU A 15 0.45 -1.50 3.65
CA LEU A 15 1.42 -0.58 2.97
C LEU A 15 0.89 -0.22 1.58
N LEU A 16 0.37 -1.18 0.87
CA LEU A 16 -0.19 -0.91 -0.50
C LEU A 16 -1.40 0.01 -0.39
N LEU A 17 -2.19 -0.15 0.63
CA LEU A 17 -3.37 0.74 0.82
C LEU A 17 -2.90 2.18 1.06
N LEU A 18 -1.78 2.32 1.72
CA LEU A 18 -1.22 3.68 1.98
C LEU A 18 -0.76 4.31 0.67
N ALA A 19 -0.19 3.51 -0.20
CA ALA A 19 0.27 4.03 -1.52
C ALA A 19 -0.93 4.48 -2.35
N ALA A 20 -2.01 3.72 -2.30
CA ALA A 20 -3.24 4.10 -3.07
C ALA A 20 -3.80 5.44 -2.55
N GLY A 21 -3.77 5.63 -1.25
CA GLY A 21 -4.30 6.91 -0.67
C GLY A 21 -3.41 8.08 -1.14
N VAL A 22 -2.11 7.87 -1.23
CA VAL A 22 -1.20 8.97 -1.68
C VAL A 22 -1.58 9.40 -3.10
N GLY A 23 -1.86 8.46 -3.97
CA GLY A 23 -2.26 8.81 -5.37
C GLY A 23 -3.59 9.58 -5.34
N ILE A 24 -4.52 9.13 -4.54
CA ILE A 24 -5.84 9.84 -4.45
C ILE A 24 -5.64 11.22 -3.81
N TYR A 25 -4.75 11.33 -2.85
CA TYR A 25 -4.51 12.66 -2.21
C TYR A 25 -4.00 13.65 -3.26
N LEU A 26 -3.36 13.16 -4.30
CA LEU A 26 -2.87 14.07 -5.37
C LEU A 26 -4.05 14.44 -6.29
N LEU A 27 -5.07 13.61 -6.33
CA LEU A 27 -6.26 13.90 -7.19
C LEU A 27 -7.56 13.66 -6.40
N PRO A 28 -7.69 14.31 -5.26
CA PRO A 28 -8.91 14.16 -4.43
C PRO A 28 -9.97 15.20 -4.81
N ASN A 29 -9.57 16.28 -5.43
CA ASN A 29 -10.55 17.34 -5.83
C ASN A 29 -11.09 17.04 -7.25
N ARG A 30 -10.25 16.54 -8.11
CA ARG A 30 -10.70 16.22 -9.51
C ARG A 30 -10.98 14.71 -9.64
N HIS A 1 10.74 9.95 13.76
CA HIS A 1 9.47 9.17 13.86
C HIS A 1 9.71 7.86 14.61
N SER A 2 8.68 7.34 15.25
CA SER A 2 8.84 6.06 16.01
C SER A 2 8.00 4.95 15.36
N VAL A 3 8.08 4.82 14.06
CA VAL A 3 7.29 3.75 13.35
C VAL A 3 8.23 2.61 12.93
N SER A 4 9.06 2.15 13.83
CA SER A 4 10.00 1.04 13.49
C SER A 4 9.34 -0.32 13.70
N HIS A 5 8.45 -0.41 14.65
CA HIS A 5 7.74 -1.69 14.92
C HIS A 5 6.21 -1.51 14.84
N ALA A 6 5.75 -0.51 14.11
CA ALA A 6 4.29 -0.29 13.99
C ALA A 6 3.84 -0.58 12.55
N ARG A 7 4.20 -1.72 12.03
CA ARG A 7 3.80 -2.08 10.63
C ARG A 7 3.51 -3.59 10.53
N PRO A 8 2.36 -3.91 9.98
CA PRO A 8 1.97 -5.34 9.83
C PRO A 8 2.80 -6.03 8.74
N ARG A 9 2.97 -5.37 7.60
CA ARG A 9 3.76 -5.98 6.48
C ARG A 9 3.18 -7.33 6.04
N TRP A 10 1.90 -7.56 6.27
CA TRP A 10 1.28 -8.84 5.81
C TRP A 10 1.28 -8.77 4.28
N PHE A 11 2.34 -9.24 3.65
CA PHE A 11 2.47 -9.09 2.17
C PHE A 11 2.37 -7.58 1.87
N TRP A 12 2.81 -6.77 2.82
CA TRP A 12 2.75 -5.27 2.69
C TRP A 12 1.36 -4.85 2.21
N PHE A 13 0.33 -5.52 2.70
CA PHE A 13 -1.07 -5.18 2.31
C PHE A 13 -1.43 -3.80 2.87
N SER A 14 -1.18 -3.58 4.13
CA SER A 14 -1.49 -2.25 4.75
C SER A 14 -0.67 -1.17 4.06
N LEU A 15 0.53 -1.50 3.65
CA LEU A 15 1.40 -0.51 2.94
C LEU A 15 0.79 -0.18 1.58
N LEU A 16 0.28 -1.17 0.89
CA LEU A 16 -0.34 -0.93 -0.45
C LEU A 16 -1.58 -0.03 -0.29
N LEU A 17 -2.36 -0.29 0.72
CA LEU A 17 -3.57 0.55 0.97
C LEU A 17 -3.14 1.99 1.23
N LEU A 18 -2.00 2.16 1.85
CA LEU A 18 -1.47 3.53 2.13
C LEU A 18 -1.02 4.18 0.83
N ALA A 19 -0.43 3.42 -0.06
CA ALA A 19 0.02 3.99 -1.37
C ALA A 19 -1.20 4.46 -2.17
N ALA A 20 -2.29 3.72 -2.12
CA ALA A 20 -3.51 4.13 -2.88
C ALA A 20 -4.03 5.47 -2.32
N GLY A 21 -4.03 5.62 -1.02
CA GLY A 21 -4.52 6.90 -0.40
C GLY A 21 -3.63 8.05 -0.86
N VAL A 22 -2.34 7.83 -0.97
CA VAL A 22 -1.41 8.92 -1.42
C VAL A 22 -1.77 9.34 -2.86
N GLY A 23 -2.05 8.38 -3.72
CA GLY A 23 -2.42 8.71 -5.13
C GLY A 23 -3.71 9.52 -5.14
N ILE A 24 -4.67 9.16 -4.32
CA ILE A 24 -5.97 9.92 -4.29
C ILE A 24 -5.72 11.33 -3.74
N TYR A 25 -4.83 11.48 -2.78
CA TYR A 25 -4.55 12.84 -2.23
C TYR A 25 -3.95 13.72 -3.34
N LEU A 26 -3.30 13.12 -4.31
CA LEU A 26 -2.72 13.91 -5.43
C LEU A 26 -3.83 14.26 -6.44
N LEU A 27 -4.94 13.55 -6.37
CA LEU A 27 -6.08 13.82 -7.32
C LEU A 27 -7.43 13.72 -6.57
N PRO A 28 -7.57 14.44 -5.48
CA PRO A 28 -8.82 14.41 -4.70
C PRO A 28 -9.81 15.49 -5.19
N ASN A 29 -9.32 16.51 -5.85
CA ASN A 29 -10.23 17.58 -6.36
C ASN A 29 -10.74 17.26 -7.77
N ARG A 30 -10.07 16.35 -8.47
CA ARG A 30 -10.48 15.96 -9.87
C ARG A 30 -11.02 17.16 -10.67
N HIS A 1 16.17 -16.21 -11.21
CA HIS A 1 15.43 -14.91 -11.02
C HIS A 1 14.22 -15.13 -10.11
N SER A 2 13.83 -14.12 -9.36
CA SER A 2 12.66 -14.26 -8.46
C SER A 2 11.47 -13.42 -8.99
N VAL A 3 11.16 -13.58 -10.24
CA VAL A 3 10.01 -12.81 -10.84
C VAL A 3 8.88 -13.78 -11.23
N SER A 4 8.75 -14.89 -10.54
CA SER A 4 7.67 -15.87 -10.88
C SER A 4 6.63 -15.92 -9.76
N HIS A 5 6.93 -16.64 -8.70
CA HIS A 5 5.96 -16.74 -7.57
C HIS A 5 6.52 -16.03 -6.32
N ALA A 6 7.21 -14.94 -6.50
CA ALA A 6 7.78 -14.19 -5.33
C ALA A 6 7.12 -12.82 -5.20
N ARG A 7 5.81 -12.77 -5.30
CA ARG A 7 5.07 -11.46 -5.20
C ARG A 7 4.97 -11.03 -3.73
N PRO A 8 5.62 -9.93 -3.40
CA PRO A 8 5.57 -9.42 -2.01
C PRO A 8 4.21 -8.77 -1.72
N ARG A 9 3.24 -9.56 -1.35
CA ARG A 9 1.88 -9.01 -1.05
C ARG A 9 1.35 -9.61 0.27
N TRP A 10 0.05 -9.53 0.47
CA TRP A 10 -0.57 -10.08 1.74
C TRP A 10 -0.06 -9.31 2.97
N PHE A 11 1.17 -9.53 3.36
CA PHE A 11 1.72 -8.80 4.54
C PHE A 11 1.94 -7.32 4.19
N TRP A 12 2.06 -7.00 2.92
CA TRP A 12 2.28 -5.58 2.52
C TRP A 12 0.97 -4.92 2.08
N PHE A 13 -0.17 -5.51 2.43
CA PHE A 13 -1.47 -4.90 2.02
C PHE A 13 -1.62 -3.51 2.65
N SER A 14 -1.31 -3.39 3.91
CA SER A 14 -1.39 -2.06 4.59
C SER A 14 -0.47 -1.07 3.89
N LEU A 15 0.67 -1.54 3.44
CA LEU A 15 1.62 -0.65 2.71
C LEU A 15 0.98 -0.21 1.40
N LEU A 16 0.43 -1.13 0.65
CA LEU A 16 -0.25 -0.77 -0.64
C LEU A 16 -1.48 0.09 -0.34
N LEU A 17 -2.15 -0.21 0.73
CA LEU A 17 -3.36 0.58 1.15
C LEU A 17 -2.93 2.03 1.43
N LEU A 18 -1.73 2.20 1.92
CA LEU A 18 -1.21 3.57 2.22
C LEU A 18 -0.86 4.27 0.91
N ALA A 19 -0.28 3.54 -0.01
CA ALA A 19 0.09 4.14 -1.33
C ALA A 19 -1.17 4.58 -2.09
N ALA A 20 -2.23 3.81 -1.99
CA ALA A 20 -3.50 4.18 -2.68
C ALA A 20 -4.05 5.51 -2.12
N GLY A 21 -3.96 5.69 -0.82
CA GLY A 21 -4.46 6.96 -0.21
C GLY A 21 -3.60 8.14 -0.67
N VAL A 22 -2.29 7.96 -0.72
CA VAL A 22 -1.40 9.07 -1.19
C VAL A 22 -1.73 9.44 -2.64
N GLY A 23 -1.99 8.45 -3.47
CA GLY A 23 -2.32 8.73 -4.90
C GLY A 23 -3.63 9.53 -4.99
N ILE A 24 -4.63 9.14 -4.23
CA ILE A 24 -5.93 9.88 -4.26
C ILE A 24 -5.72 11.30 -3.71
N TYR A 25 -4.87 11.47 -2.73
CA TYR A 25 -4.62 12.85 -2.19
C TYR A 25 -4.01 13.73 -3.29
N LEU A 26 -3.32 13.13 -4.24
CA LEU A 26 -2.73 13.93 -5.35
C LEU A 26 -3.84 14.24 -6.37
N LEU A 27 -4.88 13.43 -6.40
CA LEU A 27 -6.01 13.66 -7.34
C LEU A 27 -7.37 13.52 -6.63
N PRO A 28 -7.55 14.30 -5.57
CA PRO A 28 -8.81 14.25 -4.80
C PRO A 28 -9.84 15.25 -5.36
N ASN A 29 -9.40 16.25 -6.07
CA ASN A 29 -10.36 17.26 -6.65
C ASN A 29 -11.01 16.70 -7.93
N ARG A 30 -10.25 15.97 -8.72
CA ARG A 30 -10.79 15.39 -9.99
C ARG A 30 -11.29 16.51 -10.94
N HIS A 1 -2.16 -20.10 8.89
CA HIS A 1 -0.88 -20.87 8.77
C HIS A 1 0.22 -20.04 8.10
N SER A 2 -0.13 -18.94 7.48
CA SER A 2 0.89 -18.09 6.81
C SER A 2 0.94 -16.69 7.46
N VAL A 3 0.51 -16.57 8.69
CA VAL A 3 0.54 -15.24 9.37
C VAL A 3 1.22 -15.38 10.74
N SER A 4 2.46 -15.81 10.76
CA SER A 4 3.18 -15.98 12.05
C SER A 4 4.60 -15.42 11.94
N HIS A 5 5.55 -16.24 11.55
CA HIS A 5 6.96 -15.77 11.41
C HIS A 5 7.35 -15.70 9.93
N ALA A 6 6.41 -15.36 9.07
CA ALA A 6 6.70 -15.27 7.61
C ALA A 6 5.64 -14.40 6.93
N ARG A 7 5.75 -13.10 7.09
CA ARG A 7 4.75 -12.17 6.46
C ARG A 7 5.44 -11.28 5.41
N PRO A 8 5.71 -11.86 4.26
CA PRO A 8 6.36 -11.10 3.16
C PRO A 8 5.38 -10.11 2.53
N ARG A 9 4.15 -10.51 2.32
CA ARG A 9 3.15 -9.59 1.70
C ARG A 9 1.99 -9.29 2.67
N TRP A 10 1.80 -10.11 3.68
CA TRP A 10 0.69 -9.86 4.66
C TRP A 10 0.80 -8.44 5.25
N PHE A 11 1.92 -8.10 5.83
CA PHE A 11 2.09 -6.73 6.40
C PHE A 11 2.22 -5.71 5.26
N TRP A 12 2.85 -6.10 4.18
CA TRP A 12 3.02 -5.17 3.02
C TRP A 12 1.64 -4.78 2.45
N PHE A 13 0.64 -5.58 2.67
CA PHE A 13 -0.73 -5.25 2.16
C PHE A 13 -1.20 -3.92 2.74
N SER A 14 -0.88 -3.66 3.98
CA SER A 14 -1.29 -2.37 4.62
C SER A 14 -0.54 -1.22 3.94
N LEU A 15 0.66 -1.46 3.51
CA LEU A 15 1.45 -0.40 2.80
C LEU A 15 0.80 -0.11 1.45
N LEU A 16 0.36 -1.13 0.76
CA LEU A 16 -0.32 -0.92 -0.56
C LEU A 16 -1.58 -0.09 -0.37
N LEU A 17 -2.32 -0.37 0.67
CA LEU A 17 -3.57 0.43 0.95
C LEU A 17 -3.17 1.88 1.20
N LEU A 18 -2.06 2.09 1.85
CA LEU A 18 -1.57 3.48 2.12
C LEU A 18 -1.15 4.15 0.81
N ALA A 19 -0.57 3.37 -0.09
CA ALA A 19 -0.13 3.93 -1.40
C ALA A 19 -1.35 4.39 -2.21
N ALA A 20 -2.43 3.64 -2.15
CA ALA A 20 -3.67 4.02 -2.90
C ALA A 20 -4.22 5.34 -2.34
N GLY A 21 -4.25 5.48 -1.04
CA GLY A 21 -4.76 6.74 -0.42
C GLY A 21 -3.90 7.92 -0.90
N VAL A 22 -2.61 7.73 -0.99
CA VAL A 22 -1.71 8.83 -1.45
C VAL A 22 -2.05 9.19 -2.91
N GLY A 23 -2.37 8.20 -3.72
CA GLY A 23 -2.72 8.47 -5.15
C GLY A 23 -3.94 9.39 -5.20
N ILE A 24 -4.96 9.11 -4.41
CA ILE A 24 -6.18 9.97 -4.40
C ILE A 24 -5.82 11.35 -3.82
N TYR A 25 -4.93 11.40 -2.86
CA TYR A 25 -4.54 12.73 -2.28
C TYR A 25 -3.88 13.59 -3.36
N LEU A 26 -3.29 12.97 -4.36
CA LEU A 26 -2.65 13.74 -5.47
C LEU A 26 -3.74 14.19 -6.46
N LEU A 27 -4.89 13.55 -6.43
CA LEU A 27 -6.01 13.93 -7.33
C LEU A 27 -7.36 13.90 -6.58
N PRO A 28 -7.44 14.61 -5.47
CA PRO A 28 -8.68 14.65 -4.69
C PRO A 28 -9.60 15.79 -5.15
N ASN A 29 -9.03 16.86 -5.65
CA ASN A 29 -9.85 18.01 -6.13
C ASN A 29 -10.27 17.80 -7.60
N ARG A 30 -9.63 16.88 -8.30
CA ARG A 30 -9.97 16.63 -9.73
C ARG A 30 -9.80 17.92 -10.56
N HIS A 1 10.57 -2.78 10.79
CA HIS A 1 10.40 -4.20 10.37
C HIS A 1 11.71 -4.97 10.60
N SER A 2 11.62 -6.27 10.83
CA SER A 2 12.84 -7.09 11.06
C SER A 2 12.70 -8.47 10.39
N VAL A 3 12.06 -8.54 9.24
CA VAL A 3 11.87 -9.86 8.54
C VAL A 3 11.33 -10.91 9.52
N SER A 4 10.37 -10.55 10.34
CA SER A 4 9.79 -11.52 11.32
C SER A 4 8.95 -12.58 10.60
N HIS A 5 8.31 -12.20 9.53
CA HIS A 5 7.47 -13.18 8.76
C HIS A 5 8.15 -13.54 7.43
N ALA A 6 9.47 -13.55 7.41
CA ALA A 6 10.22 -13.89 6.15
C ALA A 6 9.78 -12.98 5.00
N ARG A 7 9.90 -11.67 5.18
CA ARG A 7 9.51 -10.67 4.12
C ARG A 7 8.36 -11.18 3.23
N PRO A 8 7.19 -11.27 3.81
CA PRO A 8 6.00 -11.74 3.07
C PRO A 8 5.38 -10.60 2.25
N ARG A 9 4.44 -10.93 1.40
CA ARG A 9 3.77 -9.87 0.58
C ARG A 9 2.32 -9.68 1.03
N TRP A 10 1.69 -10.72 1.55
CA TRP A 10 0.27 -10.59 2.02
C TRP A 10 0.19 -9.59 3.19
N PHE A 11 1.22 -9.51 4.00
CA PHE A 11 1.21 -8.56 5.15
C PHE A 11 1.42 -7.11 4.66
N TRP A 12 2.01 -6.94 3.50
CA TRP A 12 2.25 -5.56 2.96
C TRP A 12 0.95 -4.98 2.35
N PHE A 13 -0.17 -5.63 2.53
CA PHE A 13 -1.45 -5.08 1.97
C PHE A 13 -1.77 -3.73 2.61
N SER A 14 -1.39 -3.55 3.84
CA SER A 14 -1.63 -2.24 4.53
C SER A 14 -0.74 -1.18 3.88
N LEU A 15 0.46 -1.56 3.54
CA LEU A 15 1.40 -0.61 2.87
C LEU A 15 0.81 -0.21 1.51
N LEU A 16 0.22 -1.16 0.82
CA LEU A 16 -0.40 -0.85 -0.51
C LEU A 16 -1.56 0.13 -0.33
N LEU A 17 -2.32 -0.04 0.72
CA LEU A 17 -3.46 0.88 0.99
C LEU A 17 -2.92 2.29 1.23
N LEU A 18 -1.77 2.39 1.85
CA LEU A 18 -1.15 3.73 2.11
C LEU A 18 -0.70 4.35 0.79
N ALA A 19 -0.21 3.54 -0.12
CA ALA A 19 0.24 4.07 -1.44
C ALA A 19 -0.98 4.57 -2.23
N ALA A 20 -2.08 3.87 -2.13
CA ALA A 20 -3.32 4.30 -2.86
C ALA A 20 -3.82 5.64 -2.31
N GLY A 21 -3.75 5.82 -1.01
CA GLY A 21 -4.20 7.10 -0.39
C GLY A 21 -3.32 8.25 -0.88
N VAL A 22 -2.03 8.02 -1.00
CA VAL A 22 -1.11 9.10 -1.48
C VAL A 22 -1.49 9.50 -2.92
N GLY A 23 -1.78 8.54 -3.76
CA GLY A 23 -2.17 8.85 -5.16
C GLY A 23 -3.52 9.59 -5.17
N ILE A 24 -4.46 9.13 -4.39
CA ILE A 24 -5.79 9.81 -4.33
C ILE A 24 -5.63 11.22 -3.73
N TYR A 25 -4.73 11.39 -2.79
CA TYR A 25 -4.53 12.75 -2.20
C TYR A 25 -4.00 13.70 -3.29
N LEU A 26 -3.33 13.17 -4.27
CA LEU A 26 -2.82 14.03 -5.38
C LEU A 26 -3.99 14.34 -6.33
N LEU A 27 -4.99 13.48 -6.36
CA LEU A 27 -6.17 13.71 -7.24
C LEU A 27 -7.48 13.46 -6.48
N PRO A 28 -7.68 14.17 -5.39
CA PRO A 28 -8.90 14.00 -4.57
C PRO A 28 -10.00 14.98 -5.04
N ASN A 29 -9.64 16.04 -5.71
CA ASN A 29 -10.67 17.02 -6.18
C ASN A 29 -11.12 16.69 -7.61
N ARG A 30 -10.30 15.99 -8.37
CA ARG A 30 -10.68 15.64 -9.77
C ARG A 30 -10.16 14.24 -10.14
#